data_8W0K
#
_entry.id   8W0K
#
_cell.length_a   48.872
_cell.length_b   55.060
_cell.length_c   76.077
_cell.angle_alpha   104.18
_cell.angle_beta   100.25
_cell.angle_gamma   108.26
#
_symmetry.space_group_name_H-M   'P 1'
#
loop_
_entity.id
_entity.type
_entity.pdbx_description
1 polymer 'Bifunctional protein PutA fusion protein'
2 non-polymer 'FLAVIN-ADENINE DINUCLEOTIDE'
3 non-polymer '(1R)-1-hydroxyethane-1-sulfonic acid'
4 water water
#
_entity_poly.entity_id   1
_entity_poly.type   'polypeptide(L)'
_entity_poly.pdbx_seq_one_letter_code
;SRPQSTLRRAITAAYRRPETECLPPLVEAATQSKEIRDAAASTARKLIEALRGKHSGSGSSGSMMGEQFVTGETIREALK
RSKELEEKGFSYSYDMLGEAATTAADAERYYRDYESAIHAIGKASAGRGIYEGPGISIKLSALHPRYSRAQAARVMGELL
PRVKALALLAKNYDIGLNIDAEEADRLELSLDLLEVLCLDGDLSGWNGMGFVVQAYGKRCPFVLDFIIDLARRSGRRIMV
RLVKGAYWDAEIKRAQLDGLADFPVFTRKIHTDVSYIACAAKLLAATDVVFPQFATHNAQTLAAIYHMAGKDFHVGKYEF
QCLHGMGEPLYEEVVGRGKLDRPCRIYAPVGTHETLLAYLVRRLLENGANSSFVHRINDPKVSIDELIADPVEVVR
;
_entity_poly.pdbx_strand_id   A,B
#
# COMPACT_ATOMS: atom_id res chain seq x y z
N SER A 5 16.08 -33.87 2.53
CA SER A 5 15.23 -35.02 2.29
C SER A 5 14.55 -34.94 0.92
N THR A 6 14.03 -36.07 0.45
CA THR A 6 13.36 -36.09 -0.85
C THR A 6 12.17 -35.12 -0.89
N LEU A 7 11.39 -35.07 0.18
CA LEU A 7 10.27 -34.13 0.22
C LEU A 7 10.75 -32.68 0.25
N ARG A 8 11.83 -32.41 0.98
CA ARG A 8 12.37 -31.06 1.02
C ARG A 8 13.07 -30.69 -0.28
N ARG A 9 13.63 -31.68 -0.99
CA ARG A 9 14.25 -31.39 -2.28
C ARG A 9 13.20 -30.98 -3.31
N ALA A 10 12.01 -31.60 -3.25
CA ALA A 10 10.95 -31.22 -4.17
C ALA A 10 10.50 -29.78 -3.95
N ILE A 11 10.57 -29.31 -2.70
CA ILE A 11 10.21 -27.92 -2.41
C ILE A 11 11.21 -26.96 -3.05
N THR A 12 12.51 -27.17 -2.77
CA THR A 12 13.53 -26.27 -3.32
C THR A 12 13.55 -26.30 -4.84
N ALA A 13 13.32 -27.48 -5.44
CA ALA A 13 13.34 -27.60 -6.89
C ALA A 13 12.17 -26.87 -7.54
N ALA A 14 11.06 -26.70 -6.82
CA ALA A 14 9.89 -26.03 -7.39
C ALA A 14 9.96 -24.51 -7.27
N TYR A 15 10.95 -23.97 -6.54
CA TYR A 15 11.02 -22.56 -6.18
C TYR A 15 10.64 -21.63 -7.33
N ARG A 16 11.35 -21.74 -8.45
CA ARG A 16 11.11 -20.93 -9.63
C ARG A 16 10.86 -21.79 -10.86
N ARG A 17 10.21 -22.94 -10.68
CA ARG A 17 9.91 -23.81 -11.80
C ARG A 17 9.04 -23.05 -12.81
N PRO A 18 9.34 -23.12 -14.11
CA PRO A 18 8.53 -22.39 -15.10
C PRO A 18 7.04 -22.63 -14.89
N GLU A 19 6.27 -21.55 -15.02
CA GLU A 19 4.85 -21.59 -14.71
C GLU A 19 4.13 -22.64 -15.55
N THR A 20 4.44 -22.74 -16.84
CA THR A 20 3.77 -23.71 -17.69
C THR A 20 4.07 -25.13 -17.26
N GLU A 21 5.21 -25.35 -16.59
CA GLU A 21 5.55 -26.68 -16.07
C GLU A 21 4.77 -27.00 -14.80
N CYS A 22 4.44 -25.98 -14.01
CA CYS A 22 3.78 -26.21 -12.73
C CYS A 22 2.34 -26.65 -12.90
N LEU A 23 1.70 -26.25 -13.99
CA LEU A 23 0.24 -26.34 -14.09
C LEU A 23 -0.34 -27.72 -14.35
N PRO A 24 0.23 -28.55 -15.24
CA PRO A 24 -0.40 -29.83 -15.57
C PRO A 24 -0.64 -30.72 -14.36
N PRO A 25 0.30 -30.86 -13.42
CA PRO A 25 -0.02 -31.65 -12.22
C PRO A 25 -1.11 -31.04 -11.37
N LEU A 26 -1.24 -29.71 -11.35
CA LEU A 26 -2.29 -29.08 -10.57
C LEU A 26 -3.64 -29.23 -11.25
N VAL A 27 -3.67 -29.09 -12.59
CA VAL A 27 -4.91 -29.24 -13.34
C VAL A 27 -5.53 -30.62 -13.11
N GLU A 28 -4.70 -31.67 -13.14
CA GLU A 28 -5.20 -33.02 -12.92
C GLU A 28 -5.79 -33.18 -11.52
N ALA A 29 -5.06 -32.70 -10.51
CA ALA A 29 -5.54 -32.84 -9.14
C ALA A 29 -6.78 -31.99 -8.86
N ALA A 30 -6.88 -30.85 -9.52
CA ALA A 30 -8.02 -29.95 -9.34
C ALA A 30 -9.23 -30.36 -10.18
N THR A 31 -9.10 -31.36 -11.06
CA THR A 31 -10.22 -31.80 -11.87
C THR A 31 -11.18 -32.62 -11.00
N GLN A 32 -12.45 -32.26 -11.01
CA GLN A 32 -13.47 -32.95 -10.23
C GLN A 32 -14.45 -33.65 -11.16
N SER A 33 -15.14 -34.63 -10.61
CA SER A 33 -16.18 -35.34 -11.35
C SER A 33 -17.31 -34.39 -11.71
N LYS A 34 -18.03 -34.76 -12.78
CA LYS A 34 -19.16 -33.96 -13.23
C LYS A 34 -20.20 -33.77 -12.12
N GLU A 35 -20.49 -34.85 -11.37
CA GLU A 35 -21.46 -34.73 -10.29
C GLU A 35 -21.02 -33.71 -9.25
N ILE A 36 -19.73 -33.70 -8.90
CA ILE A 36 -19.22 -32.73 -7.93
C ILE A 36 -19.19 -31.33 -8.55
N ARG A 37 -18.76 -31.22 -9.79
CA ARG A 37 -18.80 -29.92 -10.46
C ARG A 37 -20.20 -29.36 -10.50
N ASP A 38 -21.20 -30.19 -10.83
CA ASP A 38 -22.57 -29.70 -10.93
C ASP A 38 -23.11 -29.30 -9.56
N ALA A 39 -22.87 -30.11 -8.54
CA ALA A 39 -23.30 -29.75 -7.19
C ALA A 39 -22.63 -28.45 -6.74
N ALA A 40 -21.33 -28.31 -7.00
CA ALA A 40 -20.63 -27.09 -6.59
C ALA A 40 -21.16 -25.88 -7.34
N ALA A 41 -21.45 -26.01 -8.63
CA ALA A 41 -22.05 -24.90 -9.37
C ALA A 41 -23.39 -24.49 -8.77
N SER A 42 -24.19 -25.46 -8.32
CA SER A 42 -25.48 -25.15 -7.70
C SER A 42 -25.29 -24.44 -6.37
N THR A 43 -24.39 -24.93 -5.53
CA THR A 43 -24.15 -24.28 -4.25
C THR A 43 -23.59 -22.89 -4.45
N ALA A 44 -22.66 -22.75 -5.40
CA ALA A 44 -22.03 -21.45 -5.61
C ALA A 44 -23.02 -20.42 -6.13
N ARG A 45 -23.90 -20.82 -7.06
CA ARG A 45 -24.95 -19.91 -7.54
C ARG A 45 -25.83 -19.44 -6.39
N LYS A 46 -26.26 -20.37 -5.52
CA LYS A 46 -27.07 -20.01 -4.37
C LYS A 46 -26.35 -19.03 -3.44
N LEU A 47 -25.07 -19.28 -3.17
CA LEU A 47 -24.31 -18.35 -2.33
C LEU A 47 -24.20 -16.98 -2.99
N ILE A 48 -23.92 -16.95 -4.29
CA ILE A 48 -23.71 -15.66 -4.96
C ILE A 48 -25.01 -14.89 -5.07
N GLU A 49 -26.12 -15.58 -5.30
CA GLU A 49 -27.41 -14.92 -5.34
C GLU A 49 -27.76 -14.29 -3.99
N ALA A 50 -27.43 -14.96 -2.89
CA ALA A 50 -27.63 -14.35 -1.58
C ALA A 50 -26.67 -13.18 -1.35
N LEU A 51 -25.42 -13.32 -1.81
CA LEU A 51 -24.46 -12.22 -1.71
C LEU A 51 -24.92 -10.99 -2.48
N ARG A 52 -25.41 -11.18 -3.70
CA ARG A 52 -25.84 -10.03 -4.49
C ARG A 52 -27.17 -9.44 -4.02
N GLY A 53 -27.76 -10.01 -2.98
CA GLY A 53 -28.79 -9.34 -2.21
C GLY A 53 -28.25 -8.57 -1.03
N LYS A 54 -26.93 -8.51 -0.87
CA LYS A 54 -26.30 -7.81 0.25
C LYS A 54 -25.42 -6.66 -0.25
N GLY A 66 -10.04 2.25 8.19
CA GLY A 66 -9.81 0.83 8.28
C GLY A 66 -10.41 0.17 9.51
N GLU A 67 -11.26 0.92 10.22
CA GLU A 67 -11.91 0.39 11.41
C GLU A 67 -12.66 -0.89 11.12
N GLN A 68 -13.14 -1.06 9.88
CA GLN A 68 -13.89 -2.25 9.49
C GLN A 68 -13.07 -3.52 9.63
N PHE A 69 -11.74 -3.42 9.62
CA PHE A 69 -10.89 -4.60 9.59
C PHE A 69 -10.31 -4.97 10.95
N VAL A 70 -10.54 -4.17 11.98
CA VAL A 70 -9.98 -4.41 13.30
C VAL A 70 -11.09 -4.84 14.25
N THR A 71 -10.87 -5.94 14.97
CA THR A 71 -11.87 -6.45 15.89
C THR A 71 -11.89 -5.67 17.20
N GLY A 72 -10.74 -5.16 17.64
CA GLY A 72 -10.69 -4.33 18.84
C GLY A 72 -9.29 -3.80 19.03
N GLU A 73 -9.19 -2.77 19.88
CA GLU A 73 -7.89 -2.16 20.14
C GLU A 73 -7.03 -3.06 21.03
N THR A 74 -7.64 -3.80 21.94
CA THR A 74 -6.94 -4.67 22.87
C THR A 74 -7.58 -6.05 22.82
N ILE A 75 -6.85 -7.03 23.37
CA ILE A 75 -7.37 -8.39 23.36
C ILE A 75 -8.61 -8.51 24.23
N ARG A 76 -8.66 -7.76 25.34
CA ARG A 76 -9.85 -7.77 26.19
C ARG A 76 -11.07 -7.27 25.41
N GLU A 77 -10.92 -6.17 24.68
CA GLU A 77 -12.00 -5.65 23.85
C GLU A 77 -12.41 -6.66 22.79
N ALA A 78 -11.43 -7.26 22.10
CA ALA A 78 -11.74 -8.20 21.03
C ALA A 78 -12.47 -9.43 21.56
N LEU A 79 -12.05 -9.95 22.71
CA LEU A 79 -12.70 -11.12 23.28
C LEU A 79 -14.15 -10.83 23.64
N LYS A 80 -14.42 -9.67 24.24
CA LYS A 80 -15.79 -9.33 24.61
C LYS A 80 -16.70 -9.24 23.39
N ARG A 81 -16.16 -8.79 22.25
CA ARG A 81 -16.95 -8.63 21.03
C ARG A 81 -17.13 -9.92 20.26
N SER A 82 -16.53 -11.02 20.70
CA SER A 82 -16.58 -12.28 19.97
C SER A 82 -17.74 -13.19 20.40
N LYS A 83 -18.40 -12.89 21.52
CA LYS A 83 -19.41 -13.79 22.06
C LYS A 83 -20.58 -13.96 21.08
N GLU A 84 -20.98 -12.88 20.42
CA GLU A 84 -22.15 -12.93 19.54
C GLU A 84 -21.95 -13.94 18.42
N LEU A 85 -20.85 -13.82 17.67
CA LEU A 85 -20.61 -14.71 16.55
C LEU A 85 -20.19 -16.11 16.98
N GLU A 86 -19.60 -16.26 18.18
CA GLU A 86 -19.25 -17.61 18.63
C GLU A 86 -20.49 -18.47 18.84
N GLU A 87 -21.57 -17.91 19.37
CA GLU A 87 -22.77 -18.72 19.54
C GLU A 87 -23.51 -18.95 18.22
N LYS A 88 -23.16 -18.22 17.16
CA LYS A 88 -23.71 -18.49 15.84
C LYS A 88 -22.96 -19.62 15.12
N GLY A 89 -21.80 -20.04 15.63
CA GLY A 89 -21.03 -21.10 15.01
C GLY A 89 -19.66 -20.68 14.52
N PHE A 90 -19.24 -19.44 14.73
CA PHE A 90 -17.91 -19.00 14.34
C PHE A 90 -16.92 -19.25 15.48
N SER A 91 -15.66 -19.37 15.11
CA SER A 91 -14.55 -19.32 16.05
C SER A 91 -13.63 -18.17 15.64
N TYR A 92 -12.57 -17.98 16.42
CA TYR A 92 -11.66 -16.85 16.22
C TYR A 92 -10.20 -17.28 16.23
N SER A 93 -9.40 -16.55 15.46
CA SER A 93 -7.94 -16.59 15.58
C SER A 93 -7.51 -15.14 15.72
N TYR A 94 -7.00 -14.76 16.89
CA TYR A 94 -6.68 -13.35 17.11
C TYR A 94 -5.26 -13.04 16.64
N ASP A 95 -5.12 -11.89 16.00
CA ASP A 95 -3.83 -11.42 15.49
C ASP A 95 -3.50 -10.10 16.15
N MET A 96 -2.54 -10.10 17.06
CA MET A 96 -1.99 -8.85 17.58
C MET A 96 -1.16 -8.22 16.47
N LEU A 97 -1.65 -7.09 15.96
CA LEU A 97 -1.06 -6.47 14.78
C LEU A 97 0.39 -6.08 15.04
N GLY A 98 1.19 -6.16 13.97
CA GLY A 98 2.61 -5.92 14.09
C GLY A 98 3.41 -6.87 13.22
N GLU A 99 4.41 -6.34 12.54
CA GLU A 99 5.18 -7.17 11.64
C GLU A 99 6.44 -6.40 11.27
N ALA A 100 7.41 -7.13 10.70
CA ALA A 100 8.64 -6.53 10.17
C ALA A 100 9.31 -5.64 11.22
N ALA A 101 9.60 -6.22 12.38
CA ALA A 101 10.29 -5.47 13.42
C ALA A 101 11.63 -4.97 12.89
N THR A 102 11.96 -3.72 13.20
CA THR A 102 13.21 -3.13 12.75
C THR A 102 14.24 -2.96 13.85
N THR A 103 13.82 -3.06 15.12
CA THR A 103 14.73 -2.94 16.25
C THR A 103 14.47 -4.07 17.22
N ALA A 104 15.45 -4.28 18.11
CA ALA A 104 15.27 -5.26 19.18
C ALA A 104 14.11 -4.87 20.10
N ALA A 105 13.97 -3.57 20.38
CA ALA A 105 12.87 -3.11 21.23
C ALA A 105 11.52 -3.43 20.60
N ASP A 106 11.40 -3.27 19.28
CA ASP A 106 10.12 -3.57 18.62
C ASP A 106 9.82 -5.06 18.68
N ALA A 107 10.82 -5.91 18.41
CA ALA A 107 10.59 -7.35 18.46
C ALA A 107 10.25 -7.79 19.88
N GLU A 108 10.85 -7.15 20.88
CA GLU A 108 10.54 -7.47 22.27
C GLU A 108 9.11 -7.07 22.61
N ARG A 109 8.67 -5.90 22.14
CA ARG A 109 7.31 -5.46 22.40
C ARG A 109 6.29 -6.37 21.75
N TYR A 110 6.52 -6.76 20.49
CA TYR A 110 5.61 -7.69 19.84
C TYR A 110 5.57 -9.02 20.57
N TYR A 111 6.72 -9.50 21.06
CA TYR A 111 6.71 -10.74 21.83
C TYR A 111 5.81 -10.61 23.05
N ARG A 112 5.94 -9.50 23.79
CA ARG A 112 5.11 -9.30 24.99
C ARG A 112 3.63 -9.24 24.63
N ASP A 113 3.30 -8.60 23.49
CA ASP A 113 1.91 -8.55 23.05
C ASP A 113 1.37 -9.95 22.76
N TYR A 114 2.14 -10.76 22.03
CA TYR A 114 1.72 -12.13 21.74
C TYR A 114 1.58 -12.93 23.02
N GLU A 115 2.54 -12.78 23.94
CA GLU A 115 2.51 -13.51 25.19
C GLU A 115 1.27 -13.14 26.01
N SER A 116 1.00 -11.84 26.15
CA SER A 116 -0.18 -11.44 26.91
C SER A 116 -1.47 -11.88 26.22
N ALA A 117 -1.49 -11.85 24.89
CA ALA A 117 -2.67 -12.31 24.19
C ALA A 117 -2.93 -13.80 24.44
N ILE A 118 -1.86 -14.61 24.47
CA ILE A 118 -2.05 -16.05 24.69
C ILE A 118 -2.67 -16.31 26.05
N HIS A 119 -2.19 -15.63 27.09
CA HIS A 119 -2.78 -15.79 28.42
C HIS A 119 -4.25 -15.38 28.41
N ALA A 120 -4.59 -14.27 27.77
CA ALA A 120 -5.98 -13.84 27.76
C ALA A 120 -6.85 -14.80 26.96
N ILE A 121 -6.39 -15.18 25.76
CA ILE A 121 -7.16 -16.10 24.92
C ILE A 121 -7.28 -17.46 25.57
N GLY A 122 -6.18 -17.96 26.15
CA GLY A 122 -6.21 -19.26 26.78
C GLY A 122 -7.14 -19.31 27.98
N LYS A 123 -7.16 -18.24 28.77
CA LYS A 123 -8.11 -18.19 29.88
C LYS A 123 -9.55 -18.09 29.38
N ALA A 124 -9.77 -17.30 28.32
CA ALA A 124 -11.10 -17.20 27.72
C ALA A 124 -11.53 -18.51 27.09
N SER A 125 -10.59 -19.27 26.53
CA SER A 125 -10.94 -20.54 25.90
C SER A 125 -11.58 -21.48 26.91
N ALA A 126 -11.05 -21.52 28.12
CA ALA A 126 -11.67 -22.26 29.23
C ALA A 126 -11.90 -23.73 28.89
N GLY A 127 -10.89 -24.34 28.28
CA GLY A 127 -10.95 -25.76 27.96
C GLY A 127 -11.78 -26.15 26.76
N ARG A 128 -12.16 -25.20 25.90
CA ARG A 128 -12.91 -25.55 24.69
C ARG A 128 -12.06 -26.31 23.69
N GLY A 129 -10.74 -26.25 23.81
CA GLY A 129 -9.89 -26.97 22.88
C GLY A 129 -9.59 -26.20 21.61
N ILE A 130 -8.82 -26.85 20.74
CA ILE A 130 -8.24 -26.12 19.62
C ILE A 130 -9.22 -25.92 18.47
N TYR A 131 -10.29 -26.72 18.38
CA TYR A 131 -11.24 -26.60 17.28
C TYR A 131 -12.44 -25.74 17.63
N GLU A 132 -13.02 -25.97 18.81
CA GLU A 132 -14.17 -25.21 19.25
C GLU A 132 -13.80 -23.88 19.87
N GLY A 133 -12.57 -23.74 20.38
CA GLY A 133 -12.17 -22.56 21.09
C GLY A 133 -11.27 -21.67 20.27
N PRO A 134 -11.02 -20.46 20.76
CA PRO A 134 -10.22 -19.49 20.01
C PRO A 134 -8.75 -19.86 19.99
N GLY A 135 -8.04 -19.27 19.02
CA GLY A 135 -6.60 -19.41 18.95
C GLY A 135 -5.93 -18.09 18.61
N ILE A 136 -4.63 -18.15 18.32
CA ILE A 136 -3.83 -16.98 18.02
C ILE A 136 -3.05 -17.22 16.72
N SER A 137 -2.74 -16.13 16.02
CA SER A 137 -1.86 -16.15 14.87
C SER A 137 -0.70 -15.21 15.12
N ILE A 138 0.50 -15.63 14.70
CA ILE A 138 1.70 -14.81 14.86
C ILE A 138 2.42 -14.66 13.54
N LYS A 139 3.22 -13.60 13.43
CA LYS A 139 4.10 -13.37 12.31
C LYS A 139 5.54 -13.44 12.80
N LEU A 140 6.33 -14.33 12.19
CA LEU A 140 7.74 -14.44 12.57
C LEU A 140 8.51 -13.14 12.37
N SER A 141 8.13 -12.33 11.36
CA SER A 141 8.85 -11.08 11.13
C SER A 141 8.66 -10.08 12.28
N ALA A 142 7.64 -10.26 13.11
CA ALA A 142 7.46 -9.41 14.29
C ALA A 142 8.43 -9.77 15.41
N LEU A 143 8.99 -10.98 15.38
CA LEU A 143 9.70 -11.51 16.54
C LEU A 143 11.22 -11.49 16.37
N HIS A 144 11.74 -11.04 15.23
CA HIS A 144 13.18 -10.95 15.02
C HIS A 144 13.44 -9.64 14.30
N PRO A 145 14.42 -8.85 14.78
CA PRO A 145 14.58 -7.47 14.29
C PRO A 145 15.13 -7.35 12.89
N ARG A 146 15.72 -8.40 12.33
CA ARG A 146 16.24 -8.36 10.97
C ARG A 146 15.79 -9.58 10.19
N TYR A 147 14.49 -9.88 10.32
CA TYR A 147 13.97 -11.17 9.86
C TYR A 147 14.24 -11.41 8.38
N SER A 148 14.05 -10.38 7.56
CA SER A 148 14.26 -10.50 6.13
C SER A 148 15.68 -10.22 5.69
N ARG A 149 16.50 -9.58 6.53
CA ARG A 149 17.81 -9.10 6.13
C ARG A 149 18.97 -9.79 6.85
N ALA A 150 18.70 -10.85 7.60
CA ALA A 150 19.74 -11.58 8.31
C ALA A 150 19.77 -13.03 7.88
N GLN A 151 20.92 -13.68 8.15
CA GLN A 151 21.12 -15.05 7.70
C GLN A 151 20.10 -15.99 8.34
N ALA A 152 19.63 -16.94 7.53
CA ALA A 152 18.50 -17.78 7.94
C ALA A 152 18.82 -18.61 9.18
N ALA A 153 19.97 -19.29 9.17
CA ALA A 153 20.31 -20.16 10.29
C ALA A 153 20.47 -19.38 11.58
N ARG A 154 20.96 -18.14 11.51
CA ARG A 154 21.04 -17.30 12.70
C ARG A 154 19.66 -16.79 13.11
N VAL A 155 18.82 -16.41 12.14
CA VAL A 155 17.49 -15.92 12.45
C VAL A 155 16.68 -16.99 13.17
N MET A 156 16.72 -18.23 12.68
CA MET A 156 15.99 -19.30 13.35
C MET A 156 16.54 -19.58 14.73
N GLY A 157 17.87 -19.51 14.89
CA GLY A 157 18.51 -19.83 16.15
C GLY A 157 18.18 -18.88 17.29
N GLU A 158 17.76 -17.65 16.98
CA GLU A 158 17.25 -16.73 17.98
C GLU A 158 15.73 -16.73 18.04
N LEU A 159 15.08 -16.98 16.91
CA LEU A 159 13.62 -17.02 16.87
C LEU A 159 13.09 -18.26 17.56
N LEU A 160 13.78 -19.39 17.40
CA LEU A 160 13.29 -20.67 17.93
C LEU A 160 12.92 -20.63 19.41
N PRO A 161 13.77 -20.15 20.33
CA PRO A 161 13.36 -20.12 21.74
C PRO A 161 12.14 -19.24 21.98
N ARG A 162 11.99 -18.14 21.24
CA ARG A 162 10.83 -17.28 21.42
C ARG A 162 9.56 -17.98 20.98
N VAL A 163 9.57 -18.61 19.80
CA VAL A 163 8.37 -19.27 19.31
C VAL A 163 8.05 -20.49 20.17
N LYS A 164 9.07 -21.24 20.60
CA LYS A 164 8.82 -22.38 21.47
C LYS A 164 8.16 -21.94 22.77
N ALA A 165 8.61 -20.83 23.35
CA ALA A 165 8.00 -20.35 24.59
C ALA A 165 6.54 -20.00 24.37
N LEU A 166 6.21 -19.36 23.26
CA LEU A 166 4.80 -19.07 22.96
C LEU A 166 4.02 -20.35 22.73
N ALA A 167 4.62 -21.30 22.00
CA ALA A 167 3.94 -22.57 21.76
C ALA A 167 3.69 -23.32 23.06
N LEU A 168 4.63 -23.24 24.00
CA LEU A 168 4.42 -23.89 25.29
C LEU A 168 3.25 -23.26 26.04
N LEU A 169 3.13 -21.93 26.00
CA LEU A 169 1.95 -21.32 26.62
C LEU A 169 0.67 -21.78 25.95
N ALA A 170 0.66 -21.84 24.61
CA ALA A 170 -0.52 -22.30 23.90
C ALA A 170 -0.87 -23.74 24.26
N LYS A 171 0.15 -24.60 24.40
CA LYS A 171 -0.09 -25.95 24.87
C LYS A 171 -0.70 -25.96 26.27
N ASN A 172 -0.18 -25.12 27.17
CA ASN A 172 -0.69 -25.05 28.55
C ASN A 172 -2.20 -24.82 28.59
N TYR A 173 -2.70 -23.98 27.68
CA TYR A 173 -4.12 -23.66 27.64
C TYR A 173 -4.88 -24.46 26.60
N ASP A 174 -4.20 -25.27 25.81
CA ASP A 174 -4.79 -26.05 24.70
C ASP A 174 -5.53 -25.16 23.71
N ILE A 175 -4.80 -24.19 23.15
CA ILE A 175 -5.32 -23.33 22.09
C ILE A 175 -4.45 -23.47 20.85
N GLY A 176 -5.00 -23.06 19.72
CA GLY A 176 -4.22 -23.07 18.47
C GLY A 176 -3.25 -21.89 18.41
N LEU A 177 -2.09 -22.15 17.81
CA LEU A 177 -1.08 -21.12 17.56
CA LEU A 177 -1.07 -21.14 17.57
C LEU A 177 -0.62 -21.30 16.11
N ASN A 178 -0.98 -20.35 15.27
CA ASN A 178 -0.70 -20.43 13.83
C ASN A 178 0.44 -19.49 13.45
N ILE A 179 1.34 -19.98 12.61
CA ILE A 179 2.39 -19.14 12.01
C ILE A 179 1.89 -18.63 10.66
N ASP A 180 1.63 -17.34 10.57
CA ASP A 180 1.24 -16.73 9.30
C ASP A 180 2.37 -16.83 8.27
N ALA A 181 1.98 -16.91 7.00
CA ALA A 181 2.95 -16.93 5.91
C ALA A 181 3.18 -15.52 5.37
N GLU A 182 4.45 -15.20 5.12
CA GLU A 182 4.78 -13.86 4.67
C GLU A 182 5.47 -13.90 3.29
N GLU A 183 6.64 -13.28 3.14
CA GLU A 183 7.27 -13.22 1.82
C GLU A 183 7.84 -14.57 1.40
N ALA A 184 7.90 -14.79 0.08
CA ALA A 184 8.31 -16.07 -0.47
C ALA A 184 9.72 -16.48 -0.03
N ASP A 185 10.63 -15.51 0.13
CA ASP A 185 11.99 -15.85 0.50
C ASP A 185 12.14 -16.28 1.96
N ARG A 186 11.05 -16.33 2.72
CA ARG A 186 11.10 -16.76 4.12
C ARG A 186 10.30 -18.05 4.34
N LEU A 187 9.82 -18.69 3.28
CA LEU A 187 9.10 -19.94 3.45
C LEU A 187 10.01 -21.02 4.05
N GLU A 188 11.23 -21.16 3.51
CA GLU A 188 12.13 -22.21 3.94
C GLU A 188 12.46 -22.11 5.43
N LEU A 189 12.81 -20.90 5.88
CA LEU A 189 13.11 -20.69 7.29
C LEU A 189 11.94 -21.10 8.17
N SER A 190 10.75 -20.60 7.86
CA SER A 190 9.60 -20.87 8.70
C SER A 190 9.25 -22.34 8.70
N LEU A 191 9.47 -23.03 7.59
CA LEU A 191 9.21 -24.46 7.54
C LEU A 191 10.19 -25.23 8.42
N ASP A 192 11.47 -24.82 8.42
CA ASP A 192 12.44 -25.44 9.30
C ASP A 192 12.06 -25.25 10.77
N LEU A 193 11.50 -24.09 11.09
CA LEU A 193 11.03 -23.84 12.46
C LEU A 193 9.86 -24.74 12.81
N LEU A 194 8.93 -24.92 11.88
CA LEU A 194 7.80 -25.82 12.13
C LEU A 194 8.28 -27.24 12.41
N GLU A 195 9.27 -27.71 11.66
CA GLU A 195 9.73 -29.08 11.85
C GLU A 195 10.34 -29.28 13.24
N VAL A 196 11.15 -28.32 13.69
CA VAL A 196 11.75 -28.42 15.02
C VAL A 196 10.67 -28.49 16.09
N LEU A 197 9.65 -27.63 15.99
CA LEU A 197 8.60 -27.61 17.00
C LEU A 197 7.82 -28.90 17.02
N CYS A 198 7.52 -29.46 15.84
CA CYS A 198 6.72 -30.68 15.78
C CYS A 198 7.48 -31.89 16.28
N LEU A 199 8.81 -31.84 16.29
CA LEU A 199 9.62 -32.93 16.82
C LEU A 199 10.08 -32.67 18.25
N ASP A 200 9.68 -31.53 18.85
CA ASP A 200 10.10 -31.18 20.20
C ASP A 200 9.20 -31.87 21.22
N GLY A 201 9.79 -32.77 22.01
CA GLY A 201 9.02 -33.55 22.98
C GLY A 201 8.30 -32.72 24.02
N ASP A 202 8.77 -31.50 24.29
CA ASP A 202 8.11 -30.64 25.26
C ASP A 202 6.71 -30.22 24.81
N LEU A 203 6.41 -30.31 23.51
CA LEU A 203 5.11 -29.93 22.99
C LEU A 203 4.21 -31.13 22.69
N SER A 204 4.57 -32.32 23.17
CA SER A 204 3.80 -33.52 22.84
C SER A 204 2.40 -33.46 23.44
N GLY A 205 1.45 -34.07 22.74
CA GLY A 205 0.08 -34.12 23.18
C GLY A 205 -0.76 -32.91 22.83
N TRP A 206 -0.17 -31.92 22.15
CA TRP A 206 -0.86 -30.69 21.77
C TRP A 206 -0.92 -30.66 20.26
N ASN A 207 -2.12 -30.51 19.72
CA ASN A 207 -2.34 -30.45 18.28
C ASN A 207 -2.64 -29.04 17.80
N GLY A 208 -2.23 -28.02 18.56
CA GLY A 208 -2.57 -26.66 18.20
C GLY A 208 -1.61 -25.93 17.28
N MET A 209 -0.46 -26.52 16.95
CA MET A 209 0.48 -25.84 16.08
C MET A 209 -0.10 -25.74 14.67
N GLY A 210 -0.06 -24.53 14.11
CA GLY A 210 -0.64 -24.28 12.81
C GLY A 210 0.32 -23.57 11.89
N PHE A 211 0.07 -23.72 10.59
CA PHE A 211 0.98 -23.21 9.58
C PHE A 211 0.20 -22.88 8.30
N VAL A 212 0.51 -21.71 7.72
CA VAL A 212 -0.15 -21.24 6.50
C VAL A 212 0.69 -21.66 5.29
N VAL A 213 0.03 -22.10 4.22
CA VAL A 213 0.69 -22.33 2.94
C VAL A 213 -0.06 -21.55 1.87
N GLN A 214 0.68 -20.84 1.01
CA GLN A 214 0.12 -19.91 0.02
C GLN A 214 0.03 -20.58 -1.34
N ALA A 215 -1.19 -20.74 -1.85
CA ALA A 215 -1.43 -21.40 -3.13
C ALA A 215 -0.95 -20.59 -4.33
N TYR A 216 -0.67 -19.30 -4.16
CA TYR A 216 -0.07 -18.58 -5.29
C TYR A 216 1.40 -18.92 -5.47
N GLY A 217 1.99 -19.70 -4.58
CA GLY A 217 3.38 -20.09 -4.69
C GLY A 217 3.55 -21.42 -5.40
N LYS A 218 4.60 -21.49 -6.23
CA LYS A 218 4.88 -22.71 -7.00
C LYS A 218 5.24 -23.89 -6.11
N ARG A 219 5.70 -23.64 -4.88
CA ARG A 219 6.12 -24.73 -3.99
C ARG A 219 4.97 -25.34 -3.20
N CYS A 220 3.77 -24.74 -3.26
CA CYS A 220 2.64 -25.09 -2.40
C CYS A 220 2.37 -26.59 -2.28
N PRO A 221 2.15 -27.32 -3.38
CA PRO A 221 1.84 -28.75 -3.20
C PRO A 221 2.97 -29.53 -2.57
N PHE A 222 4.22 -29.15 -2.82
CA PHE A 222 5.34 -29.85 -2.24
C PHE A 222 5.52 -29.51 -0.76
N VAL A 223 5.24 -28.27 -0.37
CA VAL A 223 5.19 -27.92 1.03
C VAL A 223 4.13 -28.75 1.75
N LEU A 224 2.96 -28.89 1.13
CA LEU A 224 1.89 -29.68 1.74
C LEU A 224 2.29 -31.15 1.89
N ASP A 225 2.92 -31.75 0.87
CA ASP A 225 3.42 -33.11 1.00
C ASP A 225 4.35 -33.24 2.20
N PHE A 226 5.27 -32.29 2.35
CA PHE A 226 6.21 -32.30 3.46
C PHE A 226 5.48 -32.19 4.80
N ILE A 227 4.46 -31.33 4.88
CA ILE A 227 3.78 -31.10 6.14
C ILE A 227 2.89 -32.28 6.51
N ILE A 228 2.22 -32.86 5.51
CA ILE A 228 1.37 -34.03 5.77
C ILE A 228 2.23 -35.18 6.27
N ASP A 229 3.40 -35.38 5.68
CA ASP A 229 4.29 -36.44 6.15
C ASP A 229 4.85 -36.10 7.54
N LEU A 230 5.21 -34.83 7.77
CA LEU A 230 5.65 -34.43 9.10
C LEU A 230 4.59 -34.69 10.16
N ALA A 231 3.33 -34.36 9.86
CA ALA A 231 2.25 -34.65 10.79
C ALA A 231 2.18 -36.14 11.08
N ARG A 232 2.23 -36.97 10.04
CA ARG A 232 2.05 -38.40 10.21
C ARG A 232 3.16 -39.00 11.06
N ARG A 233 4.41 -38.56 10.86
CA ARG A 233 5.50 -39.19 11.60
C ARG A 233 5.70 -38.58 12.98
N SER A 234 5.34 -37.32 13.18
CA SER A 234 5.49 -36.67 14.47
C SER A 234 4.31 -36.93 15.41
N GLY A 235 3.17 -37.36 14.87
CA GLY A 235 1.98 -37.51 15.67
C GLY A 235 1.27 -36.21 16.01
N ARG A 236 1.68 -35.11 15.40
CA ARG A 236 1.04 -33.81 15.59
C ARG A 236 0.05 -33.58 14.46
N ARG A 237 -1.20 -33.29 14.81
CA ARG A 237 -2.22 -33.05 13.79
C ARG A 237 -2.12 -31.58 13.42
N ILE A 238 -1.20 -31.28 12.50
CA ILE A 238 -0.87 -29.90 12.17
C ILE A 238 -2.08 -29.21 11.57
N MET A 239 -2.40 -28.02 12.08
CA MET A 239 -3.46 -27.21 11.50
C MET A 239 -2.85 -26.51 10.28
N VAL A 240 -3.40 -26.73 9.10
CA VAL A 240 -2.83 -26.16 7.89
C VAL A 240 -3.83 -25.18 7.31
N ARG A 241 -3.49 -23.90 7.33
CA ARG A 241 -4.33 -22.87 6.70
C ARG A 241 -3.91 -22.70 5.24
N LEU A 242 -4.77 -23.13 4.33
CA LEU A 242 -4.55 -22.97 2.90
C LEU A 242 -5.12 -21.61 2.50
N VAL A 243 -4.26 -20.75 1.97
CA VAL A 243 -4.65 -19.42 1.50
C VAL A 243 -4.17 -19.30 0.07
N LYS A 244 -4.67 -18.27 -0.62
CA LYS A 244 -4.09 -17.92 -1.91
C LYS A 244 -2.80 -17.12 -1.71
N GLY A 245 -2.89 -15.96 -1.09
CA GLY A 245 -1.70 -15.23 -0.67
C GLY A 245 -1.94 -13.74 -0.70
N ALA A 246 -1.28 -13.03 0.24
CA ALA A 246 -1.56 -11.62 0.50
C ALA A 246 -0.54 -10.66 -0.09
N TYR A 247 0.57 -11.14 -0.64
CA TYR A 247 1.71 -10.28 -0.98
C TYR A 247 2.01 -10.30 -2.47
N TRP A 248 1.00 -10.55 -3.31
CA TRP A 248 1.25 -10.81 -4.72
C TRP A 248 1.94 -9.63 -5.40
N ASP A 249 1.41 -8.43 -5.22
CA ASP A 249 1.99 -7.25 -5.87
C ASP A 249 3.45 -7.07 -5.48
N ALA A 250 3.77 -7.30 -4.20
CA ALA A 250 5.15 -7.14 -3.75
C ALA A 250 6.06 -8.21 -4.33
N GLU A 251 5.59 -9.46 -4.40
CA GLU A 251 6.41 -10.52 -4.98
C GLU A 251 6.71 -10.24 -6.45
N ILE A 252 5.71 -9.75 -7.18
CA ILE A 252 5.93 -9.43 -8.59
C ILE A 252 6.97 -8.34 -8.74
N LYS A 253 6.85 -7.28 -7.94
CA LYS A 253 7.78 -6.15 -8.05
C LYS A 253 9.20 -6.57 -7.68
N ARG A 254 9.34 -7.41 -6.65
CA ARG A 254 10.66 -7.90 -6.26
C ARG A 254 11.26 -8.79 -7.36
N ALA A 255 10.44 -9.67 -7.93
CA ALA A 255 10.94 -10.59 -8.95
C ALA A 255 11.31 -9.87 -10.23
N GLN A 256 10.64 -8.77 -10.54
CA GLN A 256 11.01 -7.96 -11.70
C GLN A 256 12.33 -7.25 -11.46
N LEU A 257 12.49 -6.63 -10.28
CA LEU A 257 13.75 -5.97 -9.96
C LEU A 257 14.90 -6.98 -9.91
N ASP A 258 14.62 -8.19 -9.44
CA ASP A 258 15.63 -9.25 -9.36
C ASP A 258 16.10 -9.74 -10.72
N GLY A 259 15.55 -9.22 -11.82
CA GLY A 259 15.93 -9.66 -13.15
C GLY A 259 15.52 -11.06 -13.51
N LEU A 260 14.71 -11.71 -12.69
CA LEU A 260 14.34 -13.10 -12.91
C LEU A 260 13.31 -13.22 -14.03
N ALA A 261 13.43 -14.32 -14.78
CA ALA A 261 12.42 -14.67 -15.78
C ALA A 261 11.30 -15.52 -15.18
N ASP A 262 11.61 -16.29 -14.14
CA ASP A 262 10.65 -17.17 -13.50
C ASP A 262 10.51 -16.77 -12.04
N PHE A 263 9.30 -16.42 -11.64
CA PHE A 263 9.01 -15.87 -10.33
C PHE A 263 8.68 -16.99 -9.35
N PRO A 264 8.71 -16.73 -8.04
CA PRO A 264 8.27 -17.74 -7.07
C PRO A 264 6.76 -17.82 -6.92
N VAL A 265 6.00 -16.95 -7.61
CA VAL A 265 4.55 -16.99 -7.58
C VAL A 265 4.02 -17.08 -8.99
N PHE A 266 2.76 -17.51 -9.11
CA PHE A 266 2.08 -17.49 -10.38
C PHE A 266 1.80 -16.05 -10.79
N THR A 267 1.65 -15.83 -12.10
CA THR A 267 1.36 -14.51 -12.64
C THR A 267 -0.03 -14.38 -13.24
N ARG A 268 -0.77 -15.49 -13.37
CA ARG A 268 -2.16 -15.48 -13.82
C ARG A 268 -3.04 -15.89 -12.65
N LYS A 269 -4.08 -15.11 -12.38
CA LYS A 269 -4.92 -15.37 -11.20
C LYS A 269 -5.59 -16.73 -11.29
N ILE A 270 -5.92 -17.17 -12.51
CA ILE A 270 -6.56 -18.46 -12.69
C ILE A 270 -5.63 -19.60 -12.25
N HIS A 271 -4.31 -19.43 -12.43
CA HIS A 271 -3.39 -20.47 -12.00
C HIS A 271 -3.36 -20.60 -10.49
N THR A 272 -3.45 -19.48 -9.77
CA THR A 272 -3.57 -19.57 -8.32
C THR A 272 -4.84 -20.28 -7.91
N ASP A 273 -5.94 -20.04 -8.63
CA ASP A 273 -7.21 -20.69 -8.28
C ASP A 273 -7.13 -22.20 -8.48
N VAL A 274 -6.53 -22.63 -9.60
CA VAL A 274 -6.34 -24.06 -9.85
C VAL A 274 -5.42 -24.66 -8.78
N SER A 275 -4.34 -23.94 -8.46
CA SER A 275 -3.41 -24.42 -7.44
C SER A 275 -4.12 -24.61 -6.10
N TYR A 276 -5.01 -23.68 -5.75
CA TYR A 276 -5.73 -23.79 -4.49
C TYR A 276 -6.62 -25.04 -4.46
N ILE A 277 -7.35 -25.29 -5.55
CA ILE A 277 -8.25 -26.45 -5.57
C ILE A 277 -7.46 -27.75 -5.54
N ALA A 278 -6.37 -27.82 -6.30
CA ALA A 278 -5.52 -29.00 -6.27
C ALA A 278 -4.97 -29.25 -4.87
N CYS A 279 -4.52 -28.19 -4.20
CA CYS A 279 -3.97 -28.33 -2.87
C CYS A 279 -5.06 -28.68 -1.85
N ALA A 280 -6.27 -28.14 -2.05
CA ALA A 280 -7.39 -28.53 -1.21
C ALA A 280 -7.68 -30.02 -1.32
N ALA A 281 -7.62 -30.57 -2.54
CA ALA A 281 -7.83 -32.00 -2.73
C ALA A 281 -6.80 -32.80 -1.95
N LYS A 282 -5.54 -32.36 -1.97
CA LYS A 282 -4.50 -33.05 -1.23
C LYS A 282 -4.78 -33.02 0.28
N LEU A 283 -5.23 -31.87 0.78
CA LEU A 283 -5.51 -31.74 2.21
C LEU A 283 -6.72 -32.57 2.63
N LEU A 284 -7.77 -32.61 1.81
CA LEU A 284 -8.96 -33.36 2.18
C LEU A 284 -8.71 -34.85 2.20
N ALA A 285 -7.72 -35.32 1.45
CA ALA A 285 -7.33 -36.72 1.52
C ALA A 285 -6.48 -37.05 2.75
N ALA A 286 -6.11 -36.05 3.54
CA ALA A 286 -5.20 -36.25 4.67
C ALA A 286 -5.77 -35.77 6.00
N THR A 287 -7.11 -35.71 6.13
CA THR A 287 -7.70 -35.17 7.36
C THR A 287 -7.44 -36.04 8.59
N ASP A 288 -6.95 -37.27 8.42
CA ASP A 288 -6.55 -38.07 9.57
C ASP A 288 -5.36 -37.45 10.28
N VAL A 289 -4.44 -36.82 9.54
CA VAL A 289 -3.18 -36.37 10.12
C VAL A 289 -3.02 -34.85 10.13
N VAL A 290 -3.75 -34.10 9.31
CA VAL A 290 -3.73 -32.65 9.36
C VAL A 290 -5.16 -32.13 9.51
N PHE A 291 -5.26 -30.89 10.03
CA PHE A 291 -6.54 -30.20 10.17
C PHE A 291 -6.59 -29.09 9.13
N PRO A 292 -7.22 -29.31 7.98
CA PRO A 292 -7.20 -28.28 6.94
C PRO A 292 -8.13 -27.13 7.29
N GLN A 293 -7.67 -25.92 6.98
CA GLN A 293 -8.40 -24.69 7.28
C GLN A 293 -8.45 -23.92 5.97
N PHE A 294 -9.62 -23.90 5.34
CA PHE A 294 -9.73 -23.32 4.00
C PHE A 294 -10.11 -21.86 4.10
N ALA A 295 -9.10 -20.99 4.00
CA ALA A 295 -9.28 -19.55 4.11
C ALA A 295 -9.58 -18.96 2.74
N THR A 296 -10.79 -18.45 2.56
CA THR A 296 -11.17 -17.84 1.28
C THR A 296 -12.45 -17.04 1.48
N HIS A 297 -12.63 -16.00 0.67
CA HIS A 297 -13.89 -15.28 0.57
C HIS A 297 -14.58 -15.53 -0.76
N ASN A 298 -14.06 -16.46 -1.56
CA ASN A 298 -14.55 -16.73 -2.90
C ASN A 298 -15.59 -17.84 -2.81
N ALA A 299 -16.84 -17.52 -3.14
CA ALA A 299 -17.94 -18.49 -3.01
C ALA A 299 -17.78 -19.69 -3.93
N GLN A 300 -17.14 -19.51 -5.09
CA GLN A 300 -16.91 -20.66 -5.96
C GLN A 300 -15.87 -21.59 -5.36
N THR A 301 -14.78 -21.01 -4.83
CA THR A 301 -13.76 -21.81 -4.15
C THR A 301 -14.38 -22.55 -2.98
N LEU A 302 -15.17 -21.85 -2.17
CA LEU A 302 -15.81 -22.49 -1.01
C LEU A 302 -16.72 -23.64 -1.43
N ALA A 303 -17.60 -23.39 -2.40
CA ALA A 303 -18.53 -24.41 -2.84
C ALA A 303 -17.78 -25.64 -3.35
N ALA A 304 -16.70 -25.43 -4.08
CA ALA A 304 -15.92 -26.55 -4.59
C ALA A 304 -15.38 -27.40 -3.45
N ILE A 305 -14.78 -26.76 -2.44
CA ILE A 305 -14.22 -27.51 -1.32
C ILE A 305 -15.31 -28.20 -0.51
N TYR A 306 -16.44 -27.51 -0.30
CA TYR A 306 -17.56 -28.11 0.43
C TYR A 306 -18.01 -29.43 -0.18
N HIS A 307 -18.10 -29.50 -1.50
CA HIS A 307 -18.51 -30.74 -2.14
C HIS A 307 -17.37 -31.74 -2.24
N MET A 308 -16.15 -31.25 -2.45
CA MET A 308 -14.99 -32.14 -2.50
CA MET A 308 -14.98 -32.14 -2.49
C MET A 308 -14.83 -32.90 -1.19
N ALA A 309 -15.22 -32.28 -0.07
CA ALA A 309 -15.03 -32.88 1.25
C ALA A 309 -15.91 -34.09 1.49
N GLY A 310 -17.03 -34.19 0.79
CA GLY A 310 -17.92 -35.32 0.99
C GLY A 310 -19.00 -35.04 2.02
N LYS A 311 -19.82 -36.07 2.24
CA LYS A 311 -20.97 -35.95 3.14
C LYS A 311 -20.58 -36.13 4.60
N ASP A 312 -19.50 -36.84 4.88
CA ASP A 312 -19.07 -37.06 6.26
C ASP A 312 -18.44 -35.79 6.81
N PHE A 313 -18.94 -35.32 7.96
CA PHE A 313 -18.33 -34.17 8.61
C PHE A 313 -18.49 -34.29 10.13
N HIS A 314 -17.47 -33.81 10.84
CA HIS A 314 -17.51 -33.63 12.28
C HIS A 314 -16.60 -32.44 12.61
N VAL A 315 -16.95 -31.74 13.70
CA VAL A 315 -16.09 -30.65 14.16
C VAL A 315 -14.70 -31.23 14.45
N GLY A 316 -13.69 -30.62 13.85
CA GLY A 316 -12.34 -31.13 13.90
C GLY A 316 -11.87 -31.77 12.61
N LYS A 317 -12.76 -32.05 11.67
CA LYS A 317 -12.32 -32.64 10.42
C LYS A 317 -11.63 -31.59 9.57
N TYR A 318 -12.32 -30.46 9.32
CA TYR A 318 -11.75 -29.30 8.66
CA TYR A 318 -11.74 -29.29 8.68
C TYR A 318 -12.60 -28.09 9.06
N GLU A 319 -12.14 -26.90 8.66
CA GLU A 319 -12.96 -25.71 8.86
C GLU A 319 -12.69 -24.75 7.72
N PHE A 320 -13.57 -23.77 7.57
CA PHE A 320 -13.28 -22.62 6.72
C PHE A 320 -12.72 -21.49 7.58
N GLN A 321 -12.15 -20.48 6.92
CA GLN A 321 -11.71 -19.27 7.62
C GLN A 321 -11.96 -18.05 6.77
N CYS A 322 -12.12 -16.90 7.44
CA CYS A 322 -12.30 -15.62 6.76
C CYS A 322 -11.64 -14.52 7.56
N LEU A 323 -11.43 -13.38 6.91
CA LEU A 323 -10.93 -12.20 7.62
C LEU A 323 -12.08 -11.37 8.20
N HIS A 324 -11.88 -10.88 9.42
CA HIS A 324 -12.83 -9.95 10.04
C HIS A 324 -13.08 -8.77 9.10
N GLY A 325 -14.36 -8.43 8.92
CA GLY A 325 -14.73 -7.32 8.08
C GLY A 325 -14.85 -7.65 6.62
N MET A 326 -14.49 -8.87 6.20
CA MET A 326 -14.62 -9.27 4.80
C MET A 326 -15.50 -10.49 4.60
N GLY A 327 -15.48 -11.44 5.52
CA GLY A 327 -16.06 -12.74 5.27
C GLY A 327 -17.46 -12.94 5.82
N GLU A 328 -17.94 -12.01 6.63
CA GLU A 328 -19.24 -12.21 7.27
C GLU A 328 -20.40 -12.40 6.29
N PRO A 329 -20.55 -11.59 5.23
CA PRO A 329 -21.69 -11.82 4.31
C PRO A 329 -21.72 -13.22 3.74
N LEU A 330 -20.57 -13.73 3.29
CA LEU A 330 -20.53 -15.08 2.72
C LEU A 330 -20.79 -16.13 3.79
N TYR A 331 -20.08 -16.05 4.91
CA TYR A 331 -20.14 -17.14 5.88
C TYR A 331 -21.42 -17.16 6.68
N GLU A 332 -22.19 -16.06 6.69
CA GLU A 332 -23.55 -16.13 7.21
C GLU A 332 -24.44 -17.03 6.37
N GLU A 333 -24.01 -17.39 5.17
CA GLU A 333 -24.72 -18.35 4.33
C GLU A 333 -24.13 -19.75 4.44
N VAL A 334 -23.18 -19.95 5.35
CA VAL A 334 -22.43 -21.19 5.50
C VAL A 334 -22.59 -21.79 6.89
N VAL A 335 -22.31 -20.99 7.92
CA VAL A 335 -22.35 -21.49 9.29
C VAL A 335 -23.81 -21.70 9.72
N GLY A 336 -24.02 -22.70 10.56
CA GLY A 336 -25.32 -22.89 11.18
C GLY A 336 -26.13 -24.00 10.53
N ARG A 337 -27.08 -24.54 11.29
CA ARG A 337 -27.84 -25.69 10.81
C ARG A 337 -28.86 -25.32 9.74
N GLY A 338 -29.20 -24.04 9.59
CA GLY A 338 -30.05 -23.65 8.49
C GLY A 338 -29.31 -23.39 7.20
N LYS A 339 -27.99 -23.54 7.21
CA LYS A 339 -27.15 -23.21 6.06
C LYS A 339 -26.41 -24.48 5.65
N LEU A 340 -25.09 -24.42 5.52
CA LEU A 340 -24.29 -25.59 5.17
C LEU A 340 -23.76 -26.34 6.38
N ASP A 341 -23.95 -25.80 7.58
CA ASP A 341 -23.52 -26.46 8.83
C ASP A 341 -22.03 -26.77 8.82
N ARG A 342 -21.22 -25.81 8.40
CA ARG A 342 -19.78 -25.93 8.48
C ARG A 342 -19.20 -24.75 9.25
N PRO A 343 -18.17 -24.97 10.06
CA PRO A 343 -17.63 -23.89 10.90
C PRO A 343 -16.69 -22.98 10.12
N CYS A 344 -16.57 -21.75 10.62
CA CYS A 344 -15.65 -20.79 10.05
C CYS A 344 -14.93 -20.07 11.18
N ARG A 345 -13.61 -19.95 11.05
CA ARG A 345 -12.82 -19.23 12.03
C ARG A 345 -12.47 -17.86 11.47
N ILE A 346 -12.76 -16.82 12.24
CA ILE A 346 -12.54 -15.43 11.85
C ILE A 346 -11.15 -14.99 12.31
N TYR A 347 -10.33 -14.54 11.37
CA TYR A 347 -9.03 -13.95 11.67
C TYR A 347 -9.33 -12.53 12.15
N ALA A 348 -8.95 -12.23 13.39
CA ALA A 348 -9.40 -11.03 14.10
C ALA A 348 -8.20 -10.17 14.47
N PRO A 349 -7.86 -9.16 13.68
CA PRO A 349 -6.75 -8.27 14.06
C PRO A 349 -7.07 -7.47 15.31
N VAL A 350 -6.05 -7.27 16.13
CA VAL A 350 -6.17 -6.54 17.39
C VAL A 350 -5.01 -5.55 17.45
N GLY A 351 -5.33 -4.28 17.60
CA GLY A 351 -4.28 -3.29 17.76
C GLY A 351 -4.79 -1.89 17.50
N THR A 352 -3.83 -0.95 17.54
CA THR A 352 -4.06 0.46 17.27
C THR A 352 -3.96 0.74 15.77
N HIS A 353 -4.35 1.97 15.39
CA HIS A 353 -4.21 2.38 14.01
C HIS A 353 -2.75 2.41 13.56
N GLU A 354 -1.83 2.73 14.47
CA GLU A 354 -0.41 2.70 14.15
C GLU A 354 0.01 1.35 13.57
N THR A 355 -0.24 0.28 14.31
CA THR A 355 0.19 -1.05 13.88
C THR A 355 -0.67 -1.60 12.75
N LEU A 356 -1.73 -0.90 12.36
CA LEU A 356 -2.67 -1.42 11.38
C LEU A 356 -2.21 -1.21 9.95
N LEU A 357 -1.30 -0.26 9.73
CA LEU A 357 -1.12 0.28 8.38
C LEU A 357 -0.78 -0.78 7.34
N ALA A 358 0.23 -1.61 7.58
CA ALA A 358 0.65 -2.56 6.55
C ALA A 358 -0.46 -3.56 6.24
N TYR A 359 -1.11 -4.08 7.28
CA TYR A 359 -2.24 -4.98 7.09
C TYR A 359 -3.34 -4.29 6.28
N LEU A 360 -3.65 -3.03 6.63
CA LEU A 360 -4.71 -2.31 5.94
C LEU A 360 -4.41 -2.12 4.47
N VAL A 361 -3.14 -1.85 4.12
CA VAL A 361 -2.75 -1.74 2.71
C VAL A 361 -3.03 -3.05 1.97
N ARG A 362 -2.64 -4.17 2.55
CA ARG A 362 -2.92 -5.47 1.93
C ARG A 362 -4.42 -5.67 1.74
N ARG A 363 -5.22 -5.23 2.71
CA ARG A 363 -6.67 -5.31 2.56
C ARG A 363 -7.16 -4.46 1.40
N LEU A 364 -6.46 -3.38 1.07
CA LEU A 364 -6.83 -2.53 -0.07
C LEU A 364 -6.41 -3.14 -1.40
N LEU A 365 -5.19 -3.69 -1.48
CA LEU A 365 -4.83 -4.37 -2.71
C LEU A 365 -5.76 -5.54 -2.97
N GLU A 366 -6.29 -6.16 -1.92
CA GLU A 366 -7.19 -7.30 -2.07
C GLU A 366 -8.59 -6.85 -2.47
N ASN A 367 -9.14 -5.83 -1.80
CA ASN A 367 -10.53 -5.45 -2.06
C ASN A 367 -10.67 -4.62 -3.33
N GLY A 368 -9.65 -3.85 -3.70
CA GLY A 368 -9.76 -3.00 -4.85
C GLY A 368 -9.35 -3.63 -6.16
N ALA A 369 -8.82 -4.85 -6.11
CA ALA A 369 -8.32 -5.48 -7.33
C ALA A 369 -9.48 -5.94 -8.20
N ASN A 370 -9.44 -5.56 -9.48
CA ASN A 370 -10.48 -5.96 -10.40
C ASN A 370 -10.59 -7.49 -10.51
N SER A 371 -9.51 -8.22 -10.24
CA SER A 371 -9.53 -9.67 -10.30
C SER A 371 -10.08 -10.34 -9.04
N SER A 372 -10.28 -9.60 -7.95
CA SER A 372 -10.71 -10.22 -6.69
C SER A 372 -12.20 -10.55 -6.71
N PHE A 373 -12.55 -11.72 -6.14
CA PHE A 373 -13.96 -12.08 -6.01
C PHE A 373 -14.75 -11.00 -5.27
N VAL A 374 -14.17 -10.43 -4.21
CA VAL A 374 -14.93 -9.46 -3.41
C VAL A 374 -15.18 -8.18 -4.17
N HIS A 375 -14.41 -7.90 -5.20
CA HIS A 375 -14.72 -6.76 -6.06
C HIS A 375 -15.70 -7.16 -7.16
N ARG A 376 -15.50 -8.34 -7.75
CA ARG A 376 -16.34 -8.78 -8.86
C ARG A 376 -17.78 -9.03 -8.42
N ILE A 377 -17.99 -9.46 -7.16
CA ILE A 377 -19.33 -9.71 -6.67
C ILE A 377 -20.21 -8.47 -6.80
N ASN A 378 -19.62 -7.28 -6.76
CA ASN A 378 -20.36 -6.02 -6.86
C ASN A 378 -20.24 -5.38 -8.24
N ASP A 379 -19.53 -6.01 -9.17
CA ASP A 379 -19.24 -5.40 -10.47
C ASP A 379 -20.38 -5.69 -11.42
N PRO A 380 -21.11 -4.69 -11.92
CA PRO A 380 -22.25 -4.98 -12.81
C PRO A 380 -21.86 -5.65 -14.11
N LYS A 381 -20.60 -5.54 -14.53
CA LYS A 381 -20.14 -6.17 -15.77
C LYS A 381 -19.88 -7.66 -15.62
N VAL A 382 -19.92 -8.21 -14.41
CA VAL A 382 -19.56 -9.60 -14.17
C VAL A 382 -20.82 -10.39 -13.89
N SER A 383 -21.07 -11.41 -14.70
CA SER A 383 -22.28 -12.21 -14.56
C SER A 383 -22.09 -13.28 -13.47
N ILE A 384 -23.22 -13.77 -12.96
CA ILE A 384 -23.17 -14.91 -12.05
C ILE A 384 -22.57 -16.13 -12.73
N ASP A 385 -22.86 -16.30 -14.03
CA ASP A 385 -22.32 -17.43 -14.78
C ASP A 385 -20.79 -17.42 -14.76
N GLU A 386 -20.20 -16.22 -14.88
CA GLU A 386 -18.75 -16.11 -14.82
C GLU A 386 -18.23 -16.38 -13.41
N LEU A 387 -18.94 -15.92 -12.38
CA LEU A 387 -18.48 -16.12 -11.00
C LEU A 387 -18.47 -17.59 -10.60
N ILE A 388 -19.35 -18.41 -11.18
CA ILE A 388 -19.39 -19.83 -10.81
C ILE A 388 -18.56 -20.70 -11.73
N ALA A 389 -17.82 -20.10 -12.66
CA ALA A 389 -16.98 -20.87 -13.57
C ALA A 389 -15.93 -21.67 -12.80
N ASP A 390 -15.71 -22.90 -13.25
CA ASP A 390 -14.72 -23.78 -12.65
C ASP A 390 -13.35 -23.43 -13.22
N PRO A 391 -12.35 -23.07 -12.39
CA PRO A 391 -11.05 -22.67 -12.93
C PRO A 391 -10.40 -23.70 -13.85
N VAL A 392 -10.55 -25.00 -13.58
CA VAL A 392 -9.97 -26.02 -14.46
C VAL A 392 -10.52 -25.90 -15.86
N GLU A 393 -11.84 -25.75 -15.96
CA GLU A 393 -12.48 -25.68 -17.26
C GLU A 393 -12.26 -24.35 -17.97
N VAL A 394 -11.75 -23.34 -17.25
CA VAL A 394 -11.48 -22.03 -17.85
C VAL A 394 -10.01 -21.82 -18.16
N VAL A 395 -9.13 -22.70 -17.70
CA VAL A 395 -7.69 -22.54 -17.93
C VAL A 395 -7.24 -23.30 -19.18
N ARG B 2 33.56 23.77 -13.17
CA ARG B 2 32.31 23.14 -13.59
C ARG B 2 31.17 24.12 -13.41
N PRO B 3 30.31 24.24 -14.43
CA PRO B 3 29.16 25.14 -14.31
C PRO B 3 28.33 24.83 -13.07
N GLN B 4 28.01 25.88 -12.31
CA GLN B 4 27.20 25.77 -11.10
C GLN B 4 27.83 24.81 -10.10
N SER B 5 29.17 24.81 -10.05
CA SER B 5 29.89 23.90 -9.18
C SER B 5 29.43 24.03 -7.73
N THR B 6 29.31 25.25 -7.23
CA THR B 6 28.96 25.44 -5.82
C THR B 6 27.55 24.94 -5.53
N LEU B 7 26.60 25.27 -6.41
CA LEU B 7 25.22 24.84 -6.18
C LEU B 7 25.07 23.33 -6.30
N ARG B 8 25.79 22.71 -7.24
CA ARG B 8 25.65 21.27 -7.42
C ARG B 8 26.34 20.51 -6.30
N ARG B 9 27.50 20.98 -5.86
CA ARG B 9 28.19 20.35 -4.74
C ARG B 9 27.34 20.41 -3.47
N ALA B 10 26.56 21.46 -3.30
CA ALA B 10 25.74 21.58 -2.10
C ALA B 10 24.61 20.56 -2.12
N ILE B 11 24.05 20.27 -3.29
CA ILE B 11 23.03 19.23 -3.39
C ILE B 11 23.63 17.87 -3.04
N THR B 12 24.75 17.53 -3.69
CA THR B 12 25.38 16.24 -3.45
C THR B 12 25.78 16.07 -1.99
N ALA B 13 26.34 17.11 -1.38
CA ALA B 13 26.77 17.02 0.01
C ALA B 13 25.61 16.78 0.96
N ALA B 14 24.42 17.26 0.61
CA ALA B 14 23.27 17.09 1.48
C ALA B 14 22.62 15.72 1.35
N TYR B 15 22.92 14.98 0.28
CA TYR B 15 22.19 13.77 -0.10
C TYR B 15 21.84 12.89 1.10
N ARG B 16 22.86 12.51 1.88
CA ARG B 16 22.70 11.67 3.07
C ARG B 16 23.38 12.30 4.28
N ARG B 17 23.34 13.63 4.37
CA ARG B 17 23.88 14.33 5.51
C ARG B 17 23.10 13.93 6.77
N PRO B 18 23.76 13.79 7.92
CA PRO B 18 23.04 13.43 9.15
C PRO B 18 21.88 14.37 9.43
N GLU B 19 20.73 13.77 9.79
CA GLU B 19 19.50 14.52 10.02
C GLU B 19 19.70 15.65 11.04
N THR B 20 20.44 15.38 12.12
CA THR B 20 20.65 16.41 13.14
C THR B 20 21.42 17.61 12.60
N GLU B 21 22.29 17.40 11.61
CA GLU B 21 23.00 18.51 10.98
C GLU B 21 22.12 19.28 9.99
N CYS B 22 21.10 18.64 9.41
CA CYS B 22 20.25 19.34 8.47
C CYS B 22 19.31 20.31 9.15
N LEU B 23 18.92 20.02 10.39
CA LEU B 23 17.78 20.73 10.97
C LEU B 23 18.01 22.17 11.43
N PRO B 24 19.14 22.52 12.04
CA PRO B 24 19.28 23.87 12.61
C PRO B 24 19.03 24.98 11.61
N PRO B 25 19.59 24.94 10.39
CA PRO B 25 19.29 26.02 9.45
C PRO B 25 17.83 26.05 9.02
N LEU B 26 17.16 24.89 8.96
CA LEU B 26 15.75 24.88 8.61
C LEU B 26 14.90 25.46 9.72
N VAL B 27 15.22 25.11 10.97
CA VAL B 27 14.44 25.63 12.10
C VAL B 27 14.48 27.16 12.11
N GLU B 28 15.66 27.74 11.91
CA GLU B 28 15.78 29.19 11.89
C GLU B 28 15.01 29.79 10.73
N ALA B 29 15.14 29.22 9.53
CA ALA B 29 14.43 29.77 8.39
C ALA B 29 12.92 29.61 8.50
N ALA B 30 12.44 28.63 9.25
CA ALA B 30 11.02 28.39 9.43
C ALA B 30 10.42 29.13 10.62
N THR B 31 11.24 29.85 11.39
CA THR B 31 10.76 30.56 12.57
C THR B 31 10.06 31.83 12.14
N GLN B 32 8.81 31.98 12.54
CA GLN B 32 8.04 33.19 12.27
C GLN B 32 7.79 33.95 13.56
N SER B 33 7.43 35.22 13.42
CA SER B 33 7.21 36.06 14.58
C SER B 33 6.02 35.55 15.38
N LYS B 34 6.02 35.90 16.67
CA LYS B 34 4.88 35.57 17.53
C LYS B 34 3.59 36.15 16.96
N GLU B 35 3.65 37.39 16.46
CA GLU B 35 2.47 38.01 15.87
C GLU B 35 1.94 37.18 14.71
N ILE B 36 2.83 36.75 13.81
CA ILE B 36 2.40 35.93 12.68
C ILE B 36 1.90 34.57 13.15
N ARG B 37 2.59 33.98 14.13
CA ARG B 37 2.18 32.66 14.61
C ARG B 37 0.80 32.71 15.26
N ASP B 38 0.50 33.80 15.96
CA ASP B 38 -0.83 33.97 16.58
C ASP B 38 -1.90 34.11 15.51
N ALA B 39 -1.63 34.93 14.49
CA ALA B 39 -2.59 35.09 13.40
C ALA B 39 -2.80 33.78 12.64
N ALA B 40 -1.72 33.04 12.40
CA ALA B 40 -1.85 31.76 11.69
C ALA B 40 -2.63 30.74 12.51
N ALA B 41 -2.42 30.73 13.82
CA ALA B 41 -3.17 29.81 14.67
C ALA B 41 -4.68 30.09 14.59
N SER B 42 -5.06 31.37 14.53
CA SER B 42 -6.46 31.71 14.39
C SER B 42 -7.01 31.23 13.04
N THR B 43 -6.26 31.43 11.97
CA THR B 43 -6.72 30.97 10.66
C THR B 43 -6.85 29.45 10.65
N ALA B 44 -5.84 28.74 11.18
CA ALA B 44 -5.87 27.28 11.18
C ALA B 44 -7.05 26.76 11.99
N ARG B 45 -7.32 27.39 13.14
CA ARG B 45 -8.48 26.99 13.95
C ARG B 45 -9.78 27.14 13.16
N LYS B 46 -9.94 28.27 12.46
CA LYS B 46 -11.13 28.48 11.64
C LYS B 46 -11.26 27.40 10.58
N LEU B 47 -10.19 27.10 9.86
CA LEU B 47 -10.24 26.08 8.81
C LEU B 47 -10.59 24.72 9.38
N ILE B 48 -10.02 24.37 10.53
CA ILE B 48 -10.28 23.06 11.13
C ILE B 48 -11.69 22.99 11.69
N GLU B 49 -12.16 24.06 12.34
CA GLU B 49 -13.55 24.10 12.79
C GLU B 49 -14.51 23.94 11.62
N ALA B 50 -14.21 24.59 10.49
CA ALA B 50 -15.02 24.36 9.31
C ALA B 50 -14.91 22.91 8.82
N LEU B 51 -13.71 22.32 8.91
CA LEU B 51 -13.50 20.96 8.42
C LEU B 51 -14.19 19.92 9.31
N ARG B 52 -13.90 19.95 10.62
CA ARG B 52 -14.45 18.95 11.53
C ARG B 52 -15.98 19.00 11.60
N GLY B 53 -16.61 20.02 11.05
CA GLY B 53 -18.03 20.01 10.81
C GLY B 53 -18.30 19.96 9.31
N LYS B 54 -19.53 19.64 8.91
CA LYS B 54 -19.88 19.56 7.48
C LYS B 54 -18.95 18.64 6.68
N GLY B 66 -11.25 3.43 -4.20
CA GLY B 66 -10.25 3.88 -5.15
C GLY B 66 -10.77 4.88 -6.18
N GLU B 67 -12.01 4.68 -6.63
CA GLU B 67 -12.62 5.60 -7.58
C GLU B 67 -12.65 7.03 -7.06
N GLN B 68 -12.65 7.20 -5.74
CA GLN B 68 -12.69 8.54 -5.16
C GLN B 68 -11.48 9.38 -5.52
N PHE B 69 -10.38 8.76 -5.95
CA PHE B 69 -9.15 9.51 -6.25
C PHE B 69 -8.98 9.82 -7.73
N VAL B 70 -9.90 9.38 -8.59
CA VAL B 70 -9.76 9.49 -10.03
C VAL B 70 -10.86 10.39 -10.56
N THR B 71 -10.47 11.38 -11.37
CA THR B 71 -11.41 12.36 -11.90
CA THR B 71 -11.45 12.34 -11.88
C THR B 71 -12.21 11.81 -13.08
N GLY B 72 -11.60 10.94 -13.88
CA GLY B 72 -12.31 10.35 -15.01
C GLY B 72 -11.46 9.26 -15.64
N GLU B 73 -12.12 8.46 -16.49
CA GLU B 73 -11.44 7.38 -17.17
C GLU B 73 -10.68 7.84 -18.42
N THR B 74 -11.08 8.97 -18.99
CA THR B 74 -10.41 9.54 -20.16
C THR B 74 -10.27 11.03 -19.92
N ILE B 75 -9.40 11.66 -20.71
CA ILE B 75 -9.19 13.08 -20.53
C ILE B 75 -10.45 13.86 -20.88
N ARG B 76 -11.22 13.39 -21.88
CA ARG B 76 -12.47 14.05 -22.21
C ARG B 76 -13.43 14.02 -21.02
N GLU B 77 -13.54 12.87 -20.36
CA GLU B 77 -14.42 12.76 -19.20
C GLU B 77 -13.93 13.63 -18.04
N ALA B 78 -12.61 13.63 -17.80
CA ALA B 78 -12.06 14.44 -16.71
C ALA B 78 -12.30 15.93 -16.95
N LEU B 79 -12.11 16.39 -18.19
CA LEU B 79 -12.32 17.80 -18.49
C LEU B 79 -13.77 18.20 -18.29
N LYS B 80 -14.71 17.34 -18.71
CA LYS B 80 -16.13 17.64 -18.50
C LYS B 80 -16.44 17.80 -17.01
N ARG B 81 -15.86 16.95 -16.16
CA ARG B 81 -16.16 16.96 -14.75
C ARG B 81 -15.44 18.08 -14.00
N SER B 82 -14.64 18.89 -14.69
CA SER B 82 -13.87 19.95 -14.04
C SER B 82 -14.58 21.29 -14.06
N LYS B 83 -15.68 21.43 -14.81
CA LYS B 83 -16.26 22.75 -15.03
C LYS B 83 -16.81 23.36 -13.74
N GLU B 84 -17.44 22.54 -12.90
CA GLU B 84 -18.08 23.06 -11.69
C GLU B 84 -17.07 23.73 -10.76
N LEU B 85 -15.96 23.04 -10.48
CA LEU B 85 -14.97 23.60 -9.57
C LEU B 85 -14.18 24.74 -10.22
N GLU B 86 -14.00 24.71 -11.54
CA GLU B 86 -13.34 25.85 -12.18
C GLU B 86 -14.18 27.11 -12.08
N GLU B 87 -15.51 26.95 -12.13
CA GLU B 87 -16.38 28.12 -11.99
C GLU B 87 -16.25 28.75 -10.61
N LYS B 88 -15.89 27.96 -9.60
CA LYS B 88 -15.74 28.46 -8.24
C LYS B 88 -14.37 29.08 -7.98
N GLY B 89 -13.42 28.91 -8.89
CA GLY B 89 -12.10 29.50 -8.72
C GLY B 89 -10.97 28.49 -8.65
N PHE B 90 -11.24 27.19 -8.68
CA PHE B 90 -10.17 26.20 -8.72
C PHE B 90 -9.60 26.09 -10.13
N SER B 91 -8.38 25.59 -10.21
CA SER B 91 -7.77 25.17 -11.46
C SER B 91 -7.40 23.70 -11.36
N TYR B 92 -6.84 23.14 -12.44
CA TYR B 92 -6.56 21.71 -12.50
C TYR B 92 -5.18 21.44 -13.08
N SER B 93 -4.61 20.32 -12.64
CA SER B 93 -3.45 19.70 -13.28
C SER B 93 -3.78 18.24 -13.49
N TYR B 94 -3.86 17.80 -14.75
CA TYR B 94 -4.28 16.44 -15.04
C TYR B 94 -3.11 15.49 -15.11
N ASP B 95 -3.28 14.31 -14.52
CA ASP B 95 -2.25 13.28 -14.47
C ASP B 95 -2.80 12.03 -15.15
N MET B 96 -2.29 11.72 -16.33
CA MET B 96 -2.62 10.46 -16.98
C MET B 96 -1.91 9.35 -16.20
N LEU B 97 -2.69 8.55 -15.47
CA LEU B 97 -2.12 7.55 -14.58
C LEU B 97 -1.23 6.58 -15.34
N GLY B 98 -0.13 6.21 -14.71
CA GLY B 98 0.81 5.29 -15.32
C GLY B 98 2.23 5.70 -14.98
N GLU B 99 3.06 4.73 -14.65
CA GLU B 99 4.42 5.04 -14.21
C GLU B 99 5.21 3.75 -14.25
N ALA B 100 6.53 3.90 -14.05
CA ALA B 100 7.44 2.77 -13.96
C ALA B 100 7.27 1.82 -15.15
N ALA B 101 7.33 2.39 -16.35
CA ALA B 101 7.25 1.60 -17.57
C ALA B 101 8.31 0.50 -17.58
N THR B 102 7.90 -0.72 -17.89
CA THR B 102 8.83 -1.84 -17.92
C THR B 102 9.28 -2.22 -19.32
N THR B 103 8.62 -1.73 -20.37
CA THR B 103 8.99 -2.04 -21.75
C THR B 103 8.99 -0.75 -22.57
N ALA B 104 9.68 -0.81 -23.71
CA ALA B 104 9.66 0.31 -24.64
C ALA B 104 8.25 0.58 -25.16
N ALA B 105 7.47 -0.49 -25.36
CA ALA B 105 6.10 -0.34 -25.84
C ALA B 105 5.23 0.37 -24.80
N ASP B 106 5.41 0.04 -23.52
CA ASP B 106 4.66 0.75 -22.48
C ASP B 106 5.07 2.22 -22.41
N ALA B 107 6.36 2.51 -22.55
CA ALA B 107 6.80 3.90 -22.50
C ALA B 107 6.25 4.68 -23.69
N GLU B 108 6.14 4.04 -24.85
CA GLU B 108 5.57 4.71 -26.01
C GLU B 108 4.08 4.95 -25.82
N ARG B 109 3.38 4.00 -25.20
CA ARG B 109 1.96 4.17 -24.93
C ARG B 109 1.73 5.35 -23.99
N TYR B 110 2.49 5.43 -22.90
CA TYR B 110 2.34 6.54 -21.98
C TYR B 110 2.66 7.87 -22.66
N TYR B 111 3.70 7.89 -23.49
CA TYR B 111 4.01 9.10 -24.24
C TYR B 111 2.82 9.56 -25.06
N ARG B 112 2.17 8.62 -25.76
CA ARG B 112 1.02 8.97 -26.59
C ARG B 112 -0.18 9.40 -25.75
N ASP B 113 -0.36 8.78 -24.58
CA ASP B 113 -1.37 9.23 -23.62
C ASP B 113 -1.16 10.70 -23.27
N TYR B 114 0.08 11.06 -22.92
CA TYR B 114 0.37 12.44 -22.53
C TYR B 114 0.16 13.40 -23.69
N GLU B 115 0.65 13.03 -24.86
CA GLU B 115 0.51 13.87 -26.06
C GLU B 115 -0.96 14.17 -26.36
N SER B 116 -1.79 13.12 -26.38
CA SER B 116 -3.22 13.33 -26.63
CA SER B 116 -3.20 13.35 -26.65
C SER B 116 -3.84 14.18 -25.55
N ALA B 117 -3.44 13.97 -24.29
CA ALA B 117 -3.97 14.77 -23.21
C ALA B 117 -3.62 16.25 -23.36
N ILE B 118 -2.40 16.56 -23.79
CA ILE B 118 -2.01 17.97 -23.95
C ILE B 118 -2.87 18.66 -25.00
N HIS B 119 -3.11 18.01 -26.14
CA HIS B 119 -4.02 18.58 -27.12
C HIS B 119 -5.40 18.84 -26.53
N ALA B 120 -5.92 17.91 -25.74
CA ALA B 120 -7.27 18.08 -25.21
C ALA B 120 -7.30 19.16 -24.12
N ILE B 121 -6.34 19.13 -23.21
CA ILE B 121 -6.27 20.15 -22.17
C ILE B 121 -6.02 21.53 -22.77
N GLY B 122 -5.15 21.60 -23.78
CA GLY B 122 -4.88 22.87 -24.44
C GLY B 122 -6.12 23.45 -25.10
N LYS B 123 -6.91 22.61 -25.78
CA LYS B 123 -8.17 23.08 -26.35
C LYS B 123 -9.11 23.58 -25.27
N ALA B 124 -9.24 22.83 -24.17
CA ALA B 124 -10.10 23.25 -23.07
C ALA B 124 -9.61 24.54 -22.43
N SER B 125 -8.28 24.71 -22.32
CA SER B 125 -7.73 25.92 -21.73
C SER B 125 -8.19 27.16 -22.48
N ALA B 126 -8.21 27.07 -23.81
CA ALA B 126 -8.78 28.13 -24.65
C ALA B 126 -8.12 29.47 -24.39
N GLY B 127 -6.80 29.46 -24.23
CA GLY B 127 -6.06 30.70 -24.06
C GLY B 127 -6.06 31.27 -22.66
N ARG B 128 -6.52 30.53 -21.66
CA ARG B 128 -6.53 31.08 -20.30
C ARG B 128 -5.14 31.26 -19.72
N GLY B 129 -4.12 30.60 -20.27
CA GLY B 129 -2.77 30.75 -19.77
C GLY B 129 -2.44 29.77 -18.66
N ILE B 130 -1.20 29.88 -18.18
CA ILE B 130 -0.64 28.86 -17.31
C ILE B 130 -1.12 28.97 -15.87
N TYR B 131 -1.61 30.12 -15.44
CA TYR B 131 -2.03 30.30 -14.06
C TYR B 131 -3.53 30.10 -13.88
N GLU B 132 -4.35 30.66 -14.77
CA GLU B 132 -5.79 30.50 -14.64
C GLU B 132 -6.32 29.24 -15.30
N GLY B 133 -5.62 28.73 -16.31
CA GLY B 133 -6.08 27.57 -17.04
C GLY B 133 -5.44 26.27 -16.57
N PRO B 134 -5.95 25.15 -17.10
CA PRO B 134 -5.46 23.84 -16.67
C PRO B 134 -4.08 23.54 -17.22
N GLY B 135 -3.41 22.59 -16.59
CA GLY B 135 -2.14 22.08 -17.07
C GLY B 135 -2.08 20.58 -16.92
N ILE B 136 -0.89 20.02 -17.10
CA ILE B 136 -0.66 18.58 -17.07
C ILE B 136 0.54 18.30 -16.17
N SER B 137 0.53 17.12 -15.54
CA SER B 137 1.67 16.63 -14.79
C SER B 137 2.11 15.30 -15.40
N ILE B 138 3.43 15.09 -15.48
CA ILE B 138 4.00 13.89 -16.06
C ILE B 138 4.96 13.24 -15.08
N LYS B 139 5.18 11.95 -15.27
CA LYS B 139 6.17 11.20 -14.51
C LYS B 139 7.23 10.68 -15.48
N LEU B 140 8.49 11.01 -15.21
CA LEU B 140 9.57 10.55 -16.09
C LEU B 140 9.67 9.04 -16.17
N SER B 141 9.31 8.32 -15.09
CA SER B 141 9.40 6.86 -15.10
C SER B 141 8.43 6.24 -16.10
N ALA B 142 7.38 6.96 -16.51
CA ALA B 142 6.45 6.47 -17.52
C ALA B 142 7.05 6.53 -18.92
N LEU B 143 8.08 7.35 -19.13
CA LEU B 143 8.55 7.68 -20.46
C LEU B 143 9.86 7.00 -20.84
N HIS B 144 10.49 6.28 -19.92
CA HIS B 144 11.70 5.53 -20.24
C HIS B 144 11.53 4.15 -19.62
N PRO B 145 11.74 3.07 -20.38
CA PRO B 145 11.68 1.74 -19.78
C PRO B 145 12.85 1.57 -18.83
N ARG B 146 12.59 0.93 -17.69
CA ARG B 146 13.61 0.70 -16.67
C ARG B 146 14.28 2.02 -16.25
N TYR B 147 13.46 3.04 -16.06
CA TYR B 147 13.94 4.37 -15.63
C TYR B 147 14.79 4.27 -14.37
N SER B 148 14.40 3.40 -13.44
CA SER B 148 15.08 3.28 -12.15
C SER B 148 16.42 2.56 -12.24
N ARG B 149 16.73 1.88 -13.35
CA ARG B 149 17.88 1.00 -13.40
C ARG B 149 18.92 1.38 -14.45
N ALA B 150 18.52 2.04 -15.54
CA ALA B 150 19.45 2.32 -16.63
C ALA B 150 20.32 3.53 -16.30
N GLN B 151 21.53 3.53 -16.87
CA GLN B 151 22.47 4.62 -16.64
C GLN B 151 21.87 5.95 -17.10
N ALA B 152 22.24 7.02 -16.40
CA ALA B 152 21.65 8.32 -16.65
C ALA B 152 21.92 8.80 -18.07
N ALA B 153 23.09 8.47 -18.63
CA ALA B 153 23.41 8.89 -19.99
C ALA B 153 22.44 8.29 -20.99
N ARG B 154 22.14 7.01 -20.86
CA ARG B 154 21.15 6.39 -21.75
C ARG B 154 19.76 6.92 -21.47
N VAL B 155 19.40 7.06 -20.19
CA VAL B 155 18.10 7.61 -19.85
C VAL B 155 17.94 9.02 -20.41
N MET B 156 18.99 9.84 -20.29
CA MET B 156 18.90 11.23 -20.75
C MET B 156 18.68 11.29 -22.26
N GLY B 157 19.53 10.60 -23.03
CA GLY B 157 19.50 10.72 -24.48
C GLY B 157 18.22 10.28 -25.15
N GLU B 158 17.45 9.42 -24.49
CA GLU B 158 16.15 9.00 -25.00
C GLU B 158 15.00 9.76 -24.39
N LEU B 159 15.11 10.12 -23.12
CA LEU B 159 14.04 10.84 -22.43
C LEU B 159 13.97 12.30 -22.87
N LEU B 160 15.12 12.94 -23.03
CA LEU B 160 15.13 14.37 -23.33
C LEU B 160 14.35 14.75 -24.59
N PRO B 161 14.51 14.06 -25.73
CA PRO B 161 13.67 14.42 -26.89
C PRO B 161 12.18 14.22 -26.64
N ARG B 162 11.79 13.21 -25.84
CA ARG B 162 10.38 12.99 -25.54
C ARG B 162 9.81 14.11 -24.69
N VAL B 163 10.51 14.46 -23.60
CA VAL B 163 10.00 15.51 -22.74
C VAL B 163 9.99 16.85 -23.45
N LYS B 164 11.02 17.12 -24.26
CA LYS B 164 11.03 18.35 -25.03
C LYS B 164 9.82 18.43 -25.95
N ALA B 165 9.49 17.34 -26.63
CA ALA B 165 8.34 17.35 -27.53
C ALA B 165 7.05 17.63 -26.78
N LEU B 166 6.88 17.02 -25.60
CA LEU B 166 5.70 17.33 -24.80
C LEU B 166 5.71 18.78 -24.34
N ALA B 167 6.89 19.28 -23.92
CA ALA B 167 6.97 20.68 -23.51
C ALA B 167 6.65 21.62 -24.65
N LEU B 168 7.07 21.27 -25.88
CA LEU B 168 6.75 22.12 -27.02
C LEU B 168 5.25 22.18 -27.28
N LEU B 169 4.54 21.05 -27.14
CA LEU B 169 3.09 21.09 -27.29
C LEU B 169 2.46 21.94 -26.20
N ALA B 170 2.94 21.82 -24.96
CA ALA B 170 2.39 22.63 -23.88
C ALA B 170 2.65 24.11 -24.14
N LYS B 171 3.85 24.44 -24.65
CA LYS B 171 4.13 25.82 -25.04
C LYS B 171 3.13 26.29 -26.09
N ASN B 172 2.84 25.42 -27.08
CA ASN B 172 1.97 25.78 -28.21
C ASN B 172 0.55 26.13 -27.76
N TYR B 173 0.09 25.55 -26.64
CA TYR B 173 -1.22 25.85 -26.08
C TYR B 173 -1.15 26.78 -24.88
N ASP B 174 0.05 27.17 -24.46
CA ASP B 174 0.29 27.96 -23.26
C ASP B 174 -0.39 27.37 -22.03
N ILE B 175 -0.04 26.11 -21.75
CA ILE B 175 -0.49 25.44 -20.53
C ILE B 175 0.73 25.02 -19.71
N GLY B 176 0.49 24.73 -18.43
CA GLY B 176 1.55 24.26 -17.56
C GLY B 176 1.87 22.78 -17.81
N LEU B 177 3.16 22.45 -17.68
CA LEU B 177 3.64 21.07 -17.76
C LEU B 177 4.58 20.84 -16.59
N ASN B 178 4.15 20.00 -15.65
CA ASN B 178 4.89 19.77 -14.41
C ASN B 178 5.54 18.39 -14.43
N ILE B 179 6.80 18.32 -14.03
CA ILE B 179 7.51 17.06 -13.80
C ILE B 179 7.33 16.65 -12.34
N ASP B 180 6.57 15.58 -12.12
CA ASP B 180 6.36 15.05 -10.78
C ASP B 180 7.68 14.49 -10.22
N ALA B 181 7.80 14.51 -8.89
CA ALA B 181 8.98 13.96 -8.22
C ALA B 181 8.69 12.53 -7.75
N GLU B 182 9.63 11.63 -8.01
CA GLU B 182 9.44 10.23 -7.67
C GLU B 182 10.45 9.78 -6.61
N GLU B 183 11.12 8.65 -6.81
CA GLU B 183 12.04 8.17 -5.78
C GLU B 183 13.27 9.05 -5.68
N ALA B 184 13.87 9.06 -4.49
CA ALA B 184 15.01 9.92 -4.20
C ALA B 184 16.16 9.68 -5.16
N ASP B 185 16.37 8.44 -5.59
CA ASP B 185 17.52 8.18 -6.47
C ASP B 185 17.34 8.73 -7.87
N ARG B 186 16.29 9.21 -8.35
CA ARG B 186 16.09 9.91 -9.60
C ARG B 186 15.91 11.41 -9.44
N LEU B 187 16.17 12.00 -8.38
CA LEU B 187 16.14 13.46 -8.31
C LEU B 187 17.20 14.08 -9.21
N GLU B 188 18.44 13.58 -9.14
CA GLU B 188 19.54 14.22 -9.86
C GLU B 188 19.29 14.22 -11.37
N LEU B 189 18.89 13.07 -11.93
CA LEU B 189 18.61 13.01 -13.35
C LEU B 189 17.50 13.99 -13.73
N SER B 190 16.41 14.02 -12.98
CA SER B 190 15.28 14.87 -13.32
C SER B 190 15.68 16.34 -13.30
N LEU B 191 16.54 16.71 -12.36
CA LEU B 191 16.99 18.10 -12.25
C LEU B 191 17.89 18.48 -13.42
N ASP B 192 18.76 17.56 -13.86
CA ASP B 192 19.57 17.80 -15.04
C ASP B 192 18.71 17.97 -16.28
N LEU B 193 17.62 17.20 -16.38
CA LEU B 193 16.69 17.35 -17.49
C LEU B 193 15.99 18.70 -17.45
N LEU B 194 15.56 19.14 -16.26
CA LEU B 194 14.94 20.45 -16.11
C LEU B 194 15.88 21.54 -16.60
N GLU B 195 17.17 21.44 -16.26
CA GLU B 195 18.13 22.45 -16.68
C GLU B 195 18.22 22.50 -18.19
N VAL B 196 18.32 21.34 -18.84
CA VAL B 196 18.50 21.34 -20.29
C VAL B 196 17.27 21.96 -20.98
N LEU B 197 16.07 21.65 -20.48
CA LEU B 197 14.86 22.22 -21.06
C LEU B 197 14.78 23.72 -20.85
N CYS B 198 15.13 24.19 -19.65
CA CYS B 198 15.02 25.62 -19.36
C CYS B 198 16.02 26.45 -20.15
N LEU B 199 17.11 25.85 -20.62
CA LEU B 199 18.09 26.56 -21.43
C LEU B 199 17.87 26.37 -22.92
N ASP B 200 16.87 25.58 -23.30
CA ASP B 200 16.60 25.29 -24.71
C ASP B 200 15.81 26.44 -25.31
N GLY B 201 16.41 27.13 -26.28
CA GLY B 201 15.77 28.28 -26.89
C GLY B 201 14.48 27.97 -27.61
N ASP B 202 14.26 26.70 -28.00
CA ASP B 202 13.00 26.37 -28.67
C ASP B 202 11.79 26.53 -27.76
N LEU B 203 12.01 26.55 -26.44
CA LEU B 203 10.93 26.73 -25.48
C LEU B 203 10.84 28.16 -24.97
N SER B 204 11.50 29.11 -25.63
CA SER B 204 11.53 30.47 -25.11
C SER B 204 10.14 31.10 -25.14
N GLY B 205 9.90 31.99 -24.17
CA GLY B 205 8.65 32.71 -24.09
C GLY B 205 7.54 32.01 -23.34
N TRP B 206 7.76 30.77 -22.91
CA TRP B 206 6.76 29.98 -22.22
C TRP B 206 7.24 29.73 -20.80
N ASN B 207 6.40 30.08 -19.82
CA ASN B 207 6.75 29.89 -18.42
C ASN B 207 6.00 28.72 -17.78
N GLY B 208 5.52 27.79 -18.58
CA GLY B 208 4.73 26.68 -18.08
C GLY B 208 5.49 25.50 -17.53
N MET B 209 6.81 25.44 -17.68
CA MET B 209 7.57 24.32 -17.15
C MET B 209 7.53 24.33 -15.63
N GLY B 210 7.18 23.18 -15.04
CA GLY B 210 7.10 23.07 -13.61
C GLY B 210 7.88 21.87 -13.09
N PHE B 211 8.20 21.92 -11.80
CA PHE B 211 9.02 20.89 -11.19
C PHE B 211 8.66 20.76 -9.72
N VAL B 212 8.58 19.53 -9.24
CA VAL B 212 8.25 19.26 -7.84
C VAL B 212 9.53 19.09 -7.04
N VAL B 213 9.53 19.63 -5.81
CA VAL B 213 10.60 19.37 -4.85
CA VAL B 213 10.60 19.36 -4.85
C VAL B 213 9.98 18.86 -3.56
N GLN B 214 10.55 17.81 -3.01
CA GLN B 214 10.01 17.10 -1.85
C GLN B 214 10.71 17.54 -0.58
N ALA B 215 9.95 18.16 0.33
CA ALA B 215 10.51 18.68 1.56
C ALA B 215 10.89 17.60 2.56
N TYR B 216 10.44 16.35 2.38
CA TYR B 216 10.97 15.29 3.23
C TYR B 216 12.40 14.91 2.87
N GLY B 217 12.94 15.49 1.80
CA GLY B 217 14.29 15.16 1.36
C GLY B 217 15.30 16.14 1.93
N LYS B 218 16.45 15.61 2.31
CA LYS B 218 17.52 16.43 2.86
C LYS B 218 18.08 17.43 1.84
N ARG B 219 17.95 17.14 0.54
CA ARG B 219 18.48 18.03 -0.49
C ARG B 219 17.56 19.19 -0.82
N CYS B 220 16.32 19.20 -0.31
CA CYS B 220 15.30 20.15 -0.75
C CYS B 220 15.75 21.61 -0.80
N PRO B 221 16.32 22.21 0.25
CA PRO B 221 16.66 23.65 0.14
C PRO B 221 17.74 23.91 -0.89
N PHE B 222 18.66 22.96 -1.08
CA PHE B 222 19.75 23.13 -2.02
C PHE B 222 19.28 22.90 -3.45
N VAL B 223 18.33 22.00 -3.64
CA VAL B 223 17.67 21.88 -4.94
C VAL B 223 16.94 23.17 -5.28
N LEU B 224 16.24 23.75 -4.30
CA LEU B 224 15.55 25.01 -4.54
C LEU B 224 16.53 26.13 -4.90
N ASP B 225 17.67 26.21 -4.21
CA ASP B 225 18.68 27.20 -4.59
C ASP B 225 19.10 27.02 -6.04
N PHE B 226 19.32 25.77 -6.46
CA PHE B 226 19.69 25.51 -7.85
C PHE B 226 18.61 25.94 -8.81
N ILE B 227 17.33 25.65 -8.49
CA ILE B 227 16.23 25.97 -9.39
C ILE B 227 16.01 27.47 -9.50
N ILE B 228 16.10 28.18 -8.37
CA ILE B 228 15.93 29.63 -8.40
C ILE B 228 17.04 30.27 -9.24
N ASP B 229 18.29 29.81 -9.06
CA ASP B 229 19.38 30.32 -9.88
C ASP B 229 19.20 29.94 -11.36
N LEU B 230 18.70 28.74 -11.62
CA LEU B 230 18.42 28.34 -13.01
C LEU B 230 17.37 29.25 -13.63
N ALA B 231 16.34 29.61 -12.86
CA ALA B 231 15.34 30.53 -13.38
C ALA B 231 15.97 31.85 -13.76
N ARG B 232 16.91 32.34 -12.95
CA ARG B 232 17.54 33.62 -13.21
C ARG B 232 18.42 33.57 -14.45
N ARG B 233 19.15 32.49 -14.66
CA ARG B 233 20.03 32.50 -15.82
C ARG B 233 19.35 32.04 -17.10
N SER B 234 18.22 31.36 -17.00
CA SER B 234 17.50 30.90 -18.17
C SER B 234 16.47 31.90 -18.67
N GLY B 235 16.01 32.80 -17.80
CA GLY B 235 14.91 33.68 -18.11
C GLY B 235 13.53 33.06 -18.01
N ARG B 236 13.41 31.84 -17.50
CA ARG B 236 12.13 31.17 -17.37
C ARG B 236 11.64 31.35 -15.94
N ARG B 237 10.35 31.66 -15.78
CA ARG B 237 9.75 31.67 -14.44
C ARG B 237 9.28 30.25 -14.16
N ILE B 238 10.08 29.49 -13.41
CA ILE B 238 9.82 28.07 -13.23
C ILE B 238 8.71 27.88 -12.21
N MET B 239 7.71 27.05 -12.54
CA MET B 239 6.68 26.69 -11.57
C MET B 239 7.28 25.65 -10.64
N VAL B 240 7.22 25.90 -9.33
CA VAL B 240 7.84 24.99 -8.35
C VAL B 240 6.75 24.50 -7.41
N ARG B 241 6.42 23.21 -7.50
CA ARG B 241 5.46 22.61 -6.58
C ARG B 241 6.21 22.08 -5.36
N LEU B 242 5.98 22.70 -4.22
CA LEU B 242 6.57 22.26 -2.97
C LEU B 242 5.63 21.25 -2.32
N VAL B 243 6.13 20.04 -2.11
CA VAL B 243 5.35 18.98 -1.48
C VAL B 243 6.15 18.48 -0.29
N LYS B 244 5.49 17.71 0.59
CA LYS B 244 6.24 16.95 1.59
C LYS B 244 6.86 15.71 0.95
N GLY B 245 6.05 14.78 0.46
CA GLY B 245 6.57 13.69 -0.36
C GLY B 245 5.69 12.46 -0.18
N ALA B 246 5.58 11.67 -1.26
CA ALA B 246 4.61 10.58 -1.31
C ALA B 246 5.18 9.19 -1.11
N TYR B 247 6.49 9.05 -1.03
CA TYR B 247 7.15 7.75 -1.07
C TYR B 247 7.88 7.41 0.23
N TRP B 248 7.48 8.02 1.35
CA TRP B 248 8.26 7.90 2.58
C TRP B 248 8.49 6.45 3.00
N ASP B 249 7.41 5.67 3.06
CA ASP B 249 7.54 4.29 3.54
C ASP B 249 8.49 3.48 2.66
N ALA B 250 8.40 3.68 1.35
CA ALA B 250 9.29 2.94 0.45
C ALA B 250 10.73 3.42 0.56
N GLU B 251 10.93 4.71 0.81
CA GLU B 251 12.29 5.22 0.93
C GLU B 251 12.98 4.69 2.18
N ILE B 252 12.25 4.61 3.30
CA ILE B 252 12.81 4.03 4.50
C ILE B 252 13.21 2.58 4.25
N LYS B 253 12.33 1.81 3.61
CA LYS B 253 12.61 0.39 3.40
C LYS B 253 13.81 0.21 2.45
N ARG B 254 13.88 1.04 1.41
CA ARG B 254 14.96 0.94 0.43
C ARG B 254 16.31 1.29 1.05
N ALA B 255 16.33 2.34 1.88
CA ALA B 255 17.56 2.75 2.56
C ALA B 255 18.05 1.67 3.51
N GLN B 256 17.12 1.02 4.23
CA GLN B 256 17.50 -0.08 5.11
C GLN B 256 18.15 -1.20 4.32
N LEU B 257 17.53 -1.64 3.23
CA LEU B 257 18.10 -2.72 2.44
C LEU B 257 19.41 -2.30 1.76
N ASP B 258 19.54 -1.02 1.42
CA ASP B 258 20.75 -0.48 0.81
C ASP B 258 21.94 -0.48 1.77
N GLY B 259 21.73 -0.71 3.07
CA GLY B 259 22.82 -0.68 4.03
C GLY B 259 23.25 0.70 4.48
N LEU B 260 22.41 1.71 4.28
CA LEU B 260 22.80 3.09 4.55
C LEU B 260 22.80 3.39 6.04
N ALA B 261 23.79 4.15 6.48
CA ALA B 261 23.81 4.65 7.86
C ALA B 261 22.96 5.92 8.01
N ASP B 262 22.78 6.68 6.93
CA ASP B 262 21.99 7.90 6.96
C ASP B 262 21.14 7.95 5.69
N PHE B 263 19.83 8.21 5.85
CA PHE B 263 18.87 8.09 4.77
C PHE B 263 18.75 9.39 3.97
N PRO B 264 18.21 9.33 2.76
CA PRO B 264 18.01 10.56 1.97
C PRO B 264 16.77 11.35 2.35
N VAL B 265 15.96 10.86 3.29
CA VAL B 265 14.77 11.54 3.76
C VAL B 265 14.84 11.63 5.28
N PHE B 266 14.08 12.58 5.82
CA PHE B 266 13.92 12.69 7.26
C PHE B 266 13.13 11.51 7.81
N THR B 267 13.35 11.20 9.09
CA THR B 267 12.65 10.10 9.77
C THR B 267 11.72 10.55 10.88
N ARG B 268 11.76 11.82 11.26
CA ARG B 268 10.80 12.41 12.18
C ARG B 268 9.83 13.30 11.38
N LYS B 269 8.53 13.06 11.53
CA LYS B 269 7.55 13.72 10.68
C LYS B 269 7.59 15.23 10.84
N ILE B 270 7.74 15.73 12.08
CA ILE B 270 7.76 17.18 12.22
C ILE B 270 8.99 17.81 11.59
N HIS B 271 10.07 17.04 11.39
CA HIS B 271 11.21 17.59 10.65
C HIS B 271 10.83 17.89 9.20
N THR B 272 9.99 17.05 8.60
CA THR B 272 9.50 17.36 7.26
C THR B 272 8.65 18.63 7.27
N ASP B 273 7.82 18.81 8.31
CA ASP B 273 7.02 20.03 8.41
C ASP B 273 7.90 21.28 8.50
N VAL B 274 8.95 21.23 9.31
CA VAL B 274 9.88 22.36 9.43
C VAL B 274 10.58 22.62 8.11
N SER B 275 11.05 21.55 7.47
CA SER B 275 11.67 21.67 6.16
C SER B 275 10.73 22.33 5.16
N TYR B 276 9.45 21.95 5.16
CA TYR B 276 8.48 22.54 4.24
C TYR B 276 8.34 24.05 4.47
N ILE B 277 8.22 24.47 5.74
CA ILE B 277 8.04 25.90 6.01
C ILE B 277 9.29 26.70 5.66
N ALA B 278 10.48 26.16 5.98
CA ALA B 278 11.73 26.83 5.62
C ALA B 278 11.83 26.99 4.10
N CYS B 279 11.44 25.95 3.37
CA CYS B 279 11.52 26.03 1.92
C CYS B 279 10.45 26.96 1.35
N ALA B 280 9.30 27.04 2.00
CA ALA B 280 8.30 28.02 1.57
C ALA B 280 8.81 29.44 1.74
N ALA B 281 9.53 29.70 2.82
CA ALA B 281 10.11 31.03 3.01
C ALA B 281 11.07 31.38 1.88
N LYS B 282 11.87 30.40 1.44
CA LYS B 282 12.80 30.64 0.33
C LYS B 282 12.05 30.90 -0.98
N LEU B 283 10.99 30.14 -1.25
CA LEU B 283 10.23 30.33 -2.48
C LEU B 283 9.50 31.67 -2.48
N LEU B 284 8.92 32.06 -1.34
CA LEU B 284 8.16 33.31 -1.28
C LEU B 284 9.05 34.53 -1.45
N ALA B 285 10.34 34.40 -1.22
CA ALA B 285 11.26 35.50 -1.44
C ALA B 285 11.75 35.59 -2.88
N ALA B 286 11.32 34.68 -3.76
CA ALA B 286 11.81 34.59 -5.12
C ALA B 286 10.68 34.56 -6.15
N THR B 287 9.52 35.13 -5.81
CA THR B 287 8.39 35.05 -6.74
C THR B 287 8.61 35.82 -8.04
N ASP B 288 9.66 36.63 -8.14
CA ASP B 288 9.96 37.26 -9.44
C ASP B 288 10.42 36.24 -10.47
N VAL B 289 11.02 35.13 -10.04
CA VAL B 289 11.62 34.19 -10.97
C VAL B 289 11.09 32.77 -10.82
N VAL B 290 10.32 32.46 -9.78
CA VAL B 290 9.61 31.19 -9.69
C VAL B 290 8.16 31.46 -9.31
N PHE B 291 7.28 30.49 -9.65
CA PHE B 291 5.87 30.52 -9.25
C PHE B 291 5.68 29.43 -8.21
N PRO B 292 5.63 29.74 -6.92
CA PRO B 292 5.49 28.70 -5.90
C PRO B 292 4.08 28.12 -5.89
N GLN B 293 4.02 26.81 -5.71
CA GLN B 293 2.76 26.07 -5.68
C GLN B 293 2.82 25.21 -4.44
N PHE B 294 2.06 25.60 -3.42
CA PHE B 294 2.14 24.96 -2.10
C PHE B 294 1.11 23.86 -2.00
N ALA B 295 1.57 22.63 -2.25
CA ALA B 295 0.72 21.44 -2.21
C ALA B 295 0.66 20.87 -0.80
N THR B 296 -0.52 20.89 -0.20
CA THR B 296 -0.69 20.37 1.15
C THR B 296 -2.18 20.24 1.44
N HIS B 297 -2.52 19.25 2.27
CA HIS B 297 -3.87 19.13 2.84
C HIS B 297 -3.88 19.49 4.31
N ASN B 298 -2.76 19.99 4.85
CA ASN B 298 -2.61 20.27 6.27
C ASN B 298 -2.98 21.72 6.52
N ALA B 299 -4.08 21.93 7.26
CA ALA B 299 -4.59 23.28 7.48
C ALA B 299 -3.61 24.15 8.27
N GLN B 300 -2.81 23.53 9.14
CA GLN B 300 -1.80 24.29 9.86
C GLN B 300 -0.68 24.76 8.93
N THR B 301 -0.21 23.87 8.06
CA THR B 301 0.78 24.26 7.05
C THR B 301 0.24 25.37 6.17
N LEU B 302 -1.01 25.22 5.71
CA LEU B 302 -1.62 26.20 4.81
C LEU B 302 -1.68 27.56 5.48
N ALA B 303 -2.18 27.60 6.72
CA ALA B 303 -2.29 28.86 7.44
C ALA B 303 -0.93 29.53 7.62
N ALA B 304 0.11 28.74 7.90
CA ALA B 304 1.44 29.31 8.12
C ALA B 304 1.93 30.02 6.87
N ILE B 305 1.74 29.39 5.71
CA ILE B 305 2.21 29.97 4.46
C ILE B 305 1.36 31.17 4.06
N TYR B 306 0.05 31.09 4.25
CA TYR B 306 -0.83 32.21 3.95
C TYR B 306 -0.40 33.47 4.70
N HIS B 307 -0.06 33.35 5.98
CA HIS B 307 0.42 34.50 6.72
C HIS B 307 1.87 34.86 6.40
N MET B 308 2.71 33.85 6.13
CA MET B 308 4.09 34.15 5.75
C MET B 308 4.14 34.99 4.48
N ALA B 309 3.23 34.73 3.55
CA ALA B 309 3.23 35.42 2.27
C ALA B 309 2.84 36.87 2.37
N GLY B 310 2.20 37.29 3.47
CA GLY B 310 1.87 38.70 3.66
C GLY B 310 0.60 39.12 2.94
N LYS B 311 0.31 40.42 3.05
CA LYS B 311 -0.99 40.93 2.62
C LYS B 311 -1.11 41.14 1.13
N ASP B 312 -0.01 41.29 0.41
CA ASP B 312 -0.05 41.63 -1.01
C ASP B 312 -0.16 40.35 -1.84
N PHE B 313 -1.22 40.25 -2.62
CA PHE B 313 -1.45 39.07 -3.44
C PHE B 313 -2.09 39.46 -4.78
N HIS B 314 -1.70 38.71 -5.82
CA HIS B 314 -2.37 38.72 -7.12
C HIS B 314 -2.27 37.33 -7.71
N VAL B 315 -3.24 36.97 -8.56
CA VAL B 315 -3.17 35.67 -9.24
C VAL B 315 -1.94 35.65 -10.12
N GLY B 316 -1.16 34.60 -9.99
CA GLY B 316 0.16 34.49 -10.57
C GLY B 316 1.28 34.67 -9.58
N LYS B 317 1.02 35.18 -8.37
CA LYS B 317 2.09 35.31 -7.40
C LYS B 317 2.50 33.93 -6.84
N TYR B 318 1.53 33.18 -6.31
CA TYR B 318 1.71 31.80 -5.87
C TYR B 318 0.32 31.18 -5.86
N GLU B 319 0.26 29.86 -5.63
CA GLU B 319 -1.02 29.21 -5.47
C GLU B 319 -0.85 28.06 -4.49
N PHE B 320 -1.97 27.51 -4.04
CA PHE B 320 -2.00 26.25 -3.30
C PHE B 320 -2.38 25.12 -4.26
N GLN B 321 -2.13 23.88 -3.84
CA GLN B 321 -2.58 22.72 -4.61
C GLN B 321 -3.08 21.63 -3.67
N CYS B 322 -3.95 20.78 -4.20
CA CYS B 322 -4.46 19.63 -3.44
C CYS B 322 -4.71 18.47 -4.40
N LEU B 323 -4.86 17.27 -3.84
CA LEU B 323 -5.20 16.09 -4.63
C LEU B 323 -6.70 15.92 -4.74
N HIS B 324 -7.17 15.53 -5.93
CA HIS B 324 -8.58 15.18 -6.13
C HIS B 324 -8.99 14.12 -5.11
N GLY B 325 -10.15 14.33 -4.49
CA GLY B 325 -10.68 13.40 -3.52
C GLY B 325 -10.14 13.56 -2.11
N MET B 326 -9.24 14.50 -1.90
CA MET B 326 -8.67 14.74 -0.58
C MET B 326 -8.78 16.19 -0.13
N GLY B 327 -8.50 17.15 -1.01
CA GLY B 327 -8.34 18.51 -0.60
C GLY B 327 -9.53 19.44 -0.75
N GLU B 328 -10.55 19.02 -1.49
CA GLU B 328 -11.66 19.93 -1.78
C GLU B 328 -12.33 20.49 -0.52
N PRO B 329 -12.66 19.69 0.50
CA PRO B 329 -13.31 20.29 1.68
C PRO B 329 -12.48 21.39 2.34
N LEU B 330 -11.18 21.21 2.46
CA LEU B 330 -10.33 22.26 3.02
C LEU B 330 -10.28 23.49 2.11
N TYR B 331 -10.06 23.27 0.82
CA TYR B 331 -9.87 24.41 -0.07
C TYR B 331 -11.17 25.14 -0.39
N GLU B 332 -12.32 24.52 -0.13
CA GLU B 332 -13.58 25.28 -0.20
C GLU B 332 -13.61 26.39 0.84
N GLU B 333 -12.77 26.33 1.86
CA GLU B 333 -12.65 27.38 2.86
C GLU B 333 -11.51 28.34 2.56
N VAL B 334 -10.90 28.24 1.38
CA VAL B 334 -9.71 29.01 1.01
C VAL B 334 -9.95 29.82 -0.25
N VAL B 335 -10.42 29.16 -1.32
CA VAL B 335 -10.64 29.82 -2.60
C VAL B 335 -11.83 30.76 -2.50
N GLY B 336 -11.69 31.96 -3.03
CA GLY B 336 -12.89 32.79 -3.05
C GLY B 336 -12.77 34.00 -2.15
N ARG B 337 -13.39 35.11 -2.57
CA ARG B 337 -13.20 36.38 -1.89
C ARG B 337 -13.69 36.34 -0.45
N GLY B 338 -14.75 35.58 -0.16
CA GLY B 338 -15.25 35.49 1.20
C GLY B 338 -14.46 34.59 2.12
N LYS B 339 -13.49 33.85 1.59
CA LYS B 339 -12.69 32.93 2.36
C LYS B 339 -11.30 33.52 2.57
N LEU B 340 -10.27 32.87 2.05
CA LEU B 340 -8.92 33.44 2.09
C LEU B 340 -8.52 34.12 0.79
N ASP B 341 -9.33 34.00 -0.26
CA ASP B 341 -9.06 34.66 -1.56
C ASP B 341 -7.72 34.22 -2.15
N ARG B 342 -7.45 32.92 -2.08
CA ARG B 342 -6.24 32.34 -2.66
C ARG B 342 -6.62 31.16 -3.55
N PRO B 343 -5.96 31.02 -4.70
CA PRO B 343 -6.32 29.96 -5.64
C PRO B 343 -5.75 28.61 -5.25
N CYS B 344 -6.39 27.56 -5.75
CA CYS B 344 -5.95 26.20 -5.53
C CYS B 344 -6.10 25.40 -6.82
N ARG B 345 -5.04 24.66 -7.17
CA ARG B 345 -5.03 23.78 -8.33
C ARG B 345 -5.20 22.33 -7.86
N ILE B 346 -6.15 21.63 -8.46
CA ILE B 346 -6.48 20.26 -8.10
C ILE B 346 -5.70 19.32 -9.01
N TYR B 347 -4.92 18.42 -8.41
CA TYR B 347 -4.22 17.37 -9.14
C TYR B 347 -5.23 16.26 -9.43
N ALA B 348 -5.47 16.01 -10.70
CA ALA B 348 -6.62 15.21 -11.16
C ALA B 348 -6.17 13.98 -11.92
N PRO B 349 -6.11 12.81 -11.29
CA PRO B 349 -5.71 11.60 -12.02
C PRO B 349 -6.78 11.17 -13.01
N VAL B 350 -6.31 10.57 -14.12
CA VAL B 350 -7.16 10.14 -15.23
C VAL B 350 -6.74 8.72 -15.59
N GLY B 351 -7.68 7.78 -15.50
CA GLY B 351 -7.37 6.42 -15.92
C GLY B 351 -8.34 5.44 -15.32
N THR B 352 -7.88 4.18 -15.25
CA THR B 352 -8.71 3.07 -14.79
C THR B 352 -7.95 2.20 -13.80
N HIS B 353 -8.58 1.10 -13.38
CA HIS B 353 -7.90 0.19 -12.46
C HIS B 353 -6.58 -0.31 -13.02
N GLU B 354 -6.45 -0.39 -14.36
CA GLU B 354 -5.23 -0.92 -14.95
C GLU B 354 -4.02 -0.05 -14.71
N THR B 355 -4.21 1.24 -14.41
CA THR B 355 -3.10 2.17 -14.22
C THR B 355 -3.12 2.83 -12.85
N LEU B 356 -3.99 2.39 -11.94
CA LEU B 356 -4.21 3.09 -10.67
C LEU B 356 -3.34 2.59 -9.52
N LEU B 357 -2.78 1.38 -9.62
CA LEU B 357 -2.30 0.68 -8.43
C LEU B 357 -1.25 1.47 -7.66
N ALA B 358 -0.15 1.86 -8.32
CA ALA B 358 0.94 2.51 -7.61
C ALA B 358 0.46 3.78 -6.92
N TYR B 359 -0.32 4.60 -7.62
CA TYR B 359 -0.83 5.84 -7.04
C TYR B 359 -1.74 5.55 -5.86
N LEU B 360 -2.61 4.56 -5.99
CA LEU B 360 -3.55 4.23 -4.91
C LEU B 360 -2.83 3.77 -3.64
N VAL B 361 -1.79 2.96 -3.78
CA VAL B 361 -1.01 2.56 -2.60
C VAL B 361 -0.50 3.79 -1.87
N ARG B 362 0.05 4.75 -2.61
CA ARG B 362 0.56 5.97 -1.96
C ARG B 362 -0.55 6.73 -1.24
N ARG B 363 -1.75 6.75 -1.80
CA ARG B 363 -2.88 7.38 -1.11
C ARG B 363 -3.26 6.61 0.16
N LEU B 364 -3.24 5.28 0.10
CA LEU B 364 -3.59 4.50 1.28
C LEU B 364 -2.60 4.77 2.40
N LEU B 365 -1.31 4.83 2.06
CA LEU B 365 -0.30 5.09 3.08
C LEU B 365 -0.43 6.51 3.62
N GLU B 366 -0.80 7.46 2.76
CA GLU B 366 -0.99 8.84 3.20
C GLU B 366 -2.22 8.95 4.11
N ASN B 367 -3.34 8.36 3.71
CA ASN B 367 -4.58 8.49 4.46
C ASN B 367 -4.58 7.65 5.72
N GLY B 368 -3.90 6.50 5.70
CA GLY B 368 -3.97 5.59 6.83
C GLY B 368 -2.93 5.79 7.90
N ALA B 369 -1.93 6.64 7.66
CA ALA B 369 -0.83 6.79 8.60
C ALA B 369 -1.27 7.61 9.80
N ASN B 370 -0.89 7.15 10.99
CA ASN B 370 -1.31 7.84 12.20
C ASN B 370 -0.74 9.25 12.29
N SER B 371 0.36 9.53 11.59
CA SER B 371 1.00 10.82 11.63
C SER B 371 0.41 11.82 10.65
N SER B 372 -0.51 11.40 9.78
CA SER B 372 -1.01 12.30 8.74
C SER B 372 -2.09 13.22 9.28
N PHE B 373 -2.05 14.49 8.86
CA PHE B 373 -3.09 15.44 9.23
C PHE B 373 -4.49 14.93 8.87
N VAL B 374 -4.65 14.34 7.69
CA VAL B 374 -5.97 13.89 7.27
C VAL B 374 -6.49 12.75 8.14
N HIS B 375 -5.60 12.01 8.80
CA HIS B 375 -6.01 10.99 9.75
C HIS B 375 -6.28 11.63 11.10
N ARG B 376 -5.41 12.55 11.52
CA ARG B 376 -5.50 13.16 12.84
C ARG B 376 -6.74 14.03 12.99
N ILE B 377 -7.20 14.67 11.90
CA ILE B 377 -8.40 15.49 11.99
C ILE B 377 -9.61 14.66 12.39
N ASN B 378 -9.60 13.35 12.12
CA ASN B 378 -10.68 12.44 12.49
C ASN B 378 -10.40 11.65 13.77
N ASP B 379 -9.27 11.91 14.43
CA ASP B 379 -8.86 11.14 15.60
C ASP B 379 -9.40 11.82 16.85
N PRO B 380 -10.28 11.17 17.62
CA PRO B 380 -10.86 11.85 18.79
C PRO B 380 -9.83 12.22 19.85
N LYS B 381 -8.69 11.52 19.89
CA LYS B 381 -7.68 11.81 20.90
C LYS B 381 -6.81 13.02 20.56
N VAL B 382 -6.98 13.61 19.38
CA VAL B 382 -6.17 14.74 18.94
C VAL B 382 -7.00 16.01 19.07
N SER B 383 -6.60 16.90 19.97
CA SER B 383 -7.31 18.15 20.20
C SER B 383 -7.06 19.14 19.07
N ILE B 384 -7.96 20.11 18.94
CA ILE B 384 -7.73 21.19 17.98
C ILE B 384 -6.46 21.96 18.34
N ASP B 385 -6.16 22.08 19.64
CA ASP B 385 -4.92 22.72 20.09
C ASP B 385 -3.72 22.06 19.44
N GLU B 386 -3.69 20.73 19.43
CA GLU B 386 -2.53 20.04 18.85
C GLU B 386 -2.50 20.18 17.33
N LEU B 387 -3.68 20.18 16.68
CA LEU B 387 -3.71 20.31 15.23
C LEU B 387 -3.21 21.69 14.78
N ILE B 388 -3.42 22.74 15.58
CA ILE B 388 -2.98 24.07 15.18
C ILE B 388 -1.61 24.44 15.72
N ALA B 389 -0.99 23.58 16.53
CA ALA B 389 0.34 23.86 17.06
C ALA B 389 1.35 24.01 15.94
N ASP B 390 2.25 24.97 16.09
CA ASP B 390 3.33 25.17 15.11
C ASP B 390 4.42 24.14 15.36
N PRO B 391 4.70 23.24 14.42
CA PRO B 391 5.77 22.25 14.63
C PRO B 391 7.15 22.86 14.82
N VAL B 392 7.40 24.06 14.29
CA VAL B 392 8.70 24.68 14.45
C VAL B 392 9.02 24.93 15.92
N GLU B 393 8.01 25.26 16.72
CA GLU B 393 8.22 25.50 18.14
C GLU B 393 8.49 24.22 18.92
N VAL B 394 8.09 23.06 18.40
CA VAL B 394 8.44 21.79 19.02
C VAL B 394 9.94 21.54 18.91
N VAL B 395 10.58 22.07 17.87
CA VAL B 395 12.03 21.98 17.75
C VAL B 395 12.64 23.38 17.77
#